data_4BHW
#
_entry.id   4BHW
#
_cell.length_a   153.051
_cell.length_b   92.894
_cell.length_c   123.309
_cell.angle_alpha   90.00
_cell.angle_beta   98.43
_cell.angle_gamma   90.00
#
_symmetry.space_group_name_H-M   'C 1 2 1'
#
loop_
_entity.id
_entity.type
_entity.pdbx_description
1 polymer 'HISTONE ACETYLTRANSFERASE P300'
2 non-polymer 'ZINC ION'
3 non-polymer '[(2R,3S,4R,5R)-5-(6-amino-9H-purin-9-yl)-4-hydroxy-3-(phosphonooxy)tetrahydrofuran-2-yl]methyl (3R,20R)-20-carbamoyl-3-hydroxy-2,2-dimethyl-4,8,14,22-tetraoxo-12-thia-5,9,15,21-tetraazatricos-1-yl dihydrogen diphosphate'
4 water water
#
_entity_poly.entity_id   1
_entity_poly.type   'polypeptide(L)'
_entity_poly.pdbx_seq_one_letter_code
;GAMAGKAVPMQSKKKIFKPEELRQALMPTLEALYRQDPESLPFRQPVDPQLLGIPDYFDIVKSPMDLSTIKRKLDTGQYQ
EPWQYVDDIWLMFNNAWLYNRKTSRVYKYCSKLSEVFEQEIDPVMQSLGYCCGRKLEFSPQTLCCYGKQLCTIPRDATYY
SYQNRYHFCEKCFNEIQGESVSLGDDPSQPQTTINKEQFSKRKNDTLDPELFVECTECGRKMHQICVLHHEIIWPAGFVC
DGCLKKSARTRKENKFSAKRLPSTRLGTFLENRVNDFLRRQNHPESGEVTVRVVHASDKTVEVKPGMKARFVDSGEMAES
FPYRTKALFAFEEIDGVDLCFFGMHVQEYGSDCPPPNQRRVYISYLDSVHFFRPKCLRTAVYHEILIGYLEYVKKLGYTT
GHIWACPPSEGDDYIFHCHPPDQKIPKPKRLQEWFKKMLDKAVSERIVHDYKDIFKQATEDRLTSAKELPYFEGDFWPNV
LEESIKESGGSGSQKLYATMEKHKEVFFVIRLIAGPAANSLPPIVDPDPLIPCDLMDGRDAFLTLARDKHLEFSSLRRAQ
WSTMCMLVELHTQSQDRF
;
_entity_poly.pdbx_strand_id   A,B
#
loop_
_chem_comp.id
_chem_comp.type
_chem_comp.name
_chem_comp.formula
01K non-polymer '[(2R,3S,4R,5R)-5-(6-amino-9H-purin-9-yl)-4-hydroxy-3-(phosphonooxy)tetrahydrofuran-2-yl]methyl (3R,20R)-20-carbamoyl-3-hydroxy-2,2-dimethyl-4,8,14,22-tetraoxo-12-thia-5,9,15,21-tetraazatricos-1-yl dihydrogen diphosphate' 'C31 H53 N10 O19 P3 S'
ZN non-polymer 'ZINC ION' 'Zn 2'
#
# COMPACT_ATOMS: atom_id res chain seq x y z
N LYS A 14 -35.71 9.56 22.62
CA LYS A 14 -36.36 10.72 23.20
C LYS A 14 -35.58 12.00 22.91
N LYS A 15 -34.44 11.87 22.23
CA LYS A 15 -33.60 13.02 21.88
C LYS A 15 -34.14 13.85 20.72
N ILE A 16 -34.44 15.13 21.00
CA ILE A 16 -34.94 16.06 19.99
C ILE A 16 -33.83 16.92 19.40
N PHE A 17 -33.82 17.03 18.07
CA PHE A 17 -32.82 17.81 17.35
C PHE A 17 -33.43 19.09 16.79
N LYS A 18 -32.98 20.24 17.30
CA LYS A 18 -33.51 21.52 16.86
C LYS A 18 -32.87 21.94 15.55
N PRO A 19 -33.69 22.30 14.55
CA PRO A 19 -33.23 22.63 13.19
C PRO A 19 -32.08 23.64 13.15
N GLU A 20 -31.91 24.40 14.22
CA GLU A 20 -30.87 25.42 14.33
C GLU A 20 -29.57 24.92 14.96
N GLU A 21 -29.67 23.81 15.70
CA GLU A 21 -28.50 23.15 16.27
C GLU A 21 -27.83 22.28 15.20
N LEU A 22 -28.61 21.91 14.19
CA LEU A 22 -28.13 21.13 13.04
C LEU A 22 -27.35 21.96 12.04
N ARG A 23 -27.98 23.05 11.56
CA ARG A 23 -27.33 23.95 10.62
C ARG A 23 -26.08 24.55 11.25
N GLN A 24 -26.07 24.64 12.58
CA GLN A 24 -24.94 25.13 13.34
C GLN A 24 -23.77 24.18 13.15
N ALA A 25 -24.09 22.89 13.03
CA ALA A 25 -23.08 21.85 12.88
C ALA A 25 -22.87 21.46 11.42
N LEU A 26 -23.95 21.31 10.68
CA LEU A 26 -23.88 20.76 9.32
C LEU A 26 -23.43 21.72 8.22
N MET A 27 -23.93 22.96 8.27
CA MET A 27 -23.63 23.96 7.23
C MET A 27 -22.15 24.10 6.85
N PRO A 28 -21.23 24.11 7.85
CA PRO A 28 -19.80 24.23 7.50
C PRO A 28 -19.35 23.26 6.41
N THR A 29 -19.84 22.02 6.46
CA THR A 29 -19.44 20.98 5.53
C THR A 29 -20.18 21.11 4.22
N LEU A 30 -21.25 21.91 4.23
CA LEU A 30 -21.94 22.20 2.99
C LEU A 30 -21.18 23.29 2.27
N GLU A 31 -20.73 24.27 3.06
CA GLU A 31 -19.99 25.39 2.50
C GLU A 31 -18.66 24.91 1.94
N ALA A 32 -18.07 23.92 2.61
CA ALA A 32 -16.79 23.42 2.17
C ALA A 32 -16.91 22.76 0.80
N LEU A 33 -18.13 22.39 0.43
CA LEU A 33 -18.40 21.87 -0.91
C LEU A 33 -18.57 23.02 -1.92
N TYR A 34 -19.19 24.11 -1.48
CA TYR A 34 -19.29 25.31 -2.31
C TYR A 34 -17.92 25.86 -2.67
N ARG A 35 -17.03 25.90 -1.68
CA ARG A 35 -15.72 26.56 -1.82
C ARG A 35 -14.75 25.90 -2.79
N GLN A 36 -15.16 24.85 -3.49
CA GLN A 36 -14.28 24.16 -4.42
C GLN A 36 -14.46 24.63 -5.88
N ASP A 37 -13.65 25.61 -6.28
CA ASP A 37 -13.65 26.13 -7.65
C ASP A 37 -12.66 25.35 -8.52
N PRO A 38 -13.09 24.91 -9.72
CA PRO A 38 -14.42 25.04 -10.30
C PRO A 38 -15.14 23.70 -10.25
N GLU A 39 -14.99 22.97 -9.16
CA GLU A 39 -15.47 21.59 -9.07
C GLU A 39 -16.94 21.49 -8.69
N SER A 40 -17.46 22.48 -7.97
CA SER A 40 -18.83 22.41 -7.48
C SER A 40 -19.90 23.00 -8.42
N LEU A 41 -19.45 23.62 -9.53
CA LEU A 41 -20.37 24.28 -10.47
C LEU A 41 -21.60 23.47 -10.93
N PRO A 42 -21.40 22.24 -11.44
CA PRO A 42 -22.61 21.52 -11.90
C PRO A 42 -23.58 21.13 -10.77
N PHE A 43 -23.26 21.50 -9.53
CA PHE A 43 -24.05 21.08 -8.36
C PHE A 43 -24.64 22.24 -7.58
N ARG A 44 -24.21 23.47 -7.87
CA ARG A 44 -24.59 24.63 -7.07
C ARG A 44 -26.09 24.98 -7.15
N GLN A 45 -26.72 24.65 -8.27
CA GLN A 45 -28.14 24.87 -8.43
C GLN A 45 -28.73 23.69 -9.22
N PRO A 46 -30.05 23.42 -9.04
CA PRO A 46 -30.75 22.28 -9.67
C PRO A 46 -30.36 22.02 -11.13
N VAL A 47 -30.10 20.75 -11.45
CA VAL A 47 -29.80 20.37 -12.82
C VAL A 47 -31.03 20.60 -13.67
N ASP A 48 -30.85 21.34 -14.77
CA ASP A 48 -31.94 21.68 -15.67
C ASP A 48 -31.67 21.03 -17.04
N PRO A 49 -32.34 19.90 -17.33
CA PRO A 49 -32.08 19.10 -18.54
C PRO A 49 -32.24 19.89 -19.84
N GLN A 50 -33.20 20.82 -19.90
CA GLN A 50 -33.41 21.61 -21.11
C GLN A 50 -32.22 22.54 -21.36
N LEU A 51 -31.74 23.23 -20.32
CA LEU A 51 -30.66 24.21 -20.45
C LEU A 51 -29.28 23.59 -20.76
N LEU A 52 -29.24 22.27 -20.93
CA LEU A 52 -28.01 21.56 -21.30
C LEU A 52 -28.29 20.48 -22.35
N GLY A 53 -29.50 20.53 -22.91
CA GLY A 53 -29.93 19.64 -23.98
C GLY A 53 -29.71 18.15 -23.75
N ILE A 54 -30.49 17.56 -22.86
CA ILE A 54 -30.37 16.15 -22.53
C ILE A 54 -31.68 15.58 -21.97
N PRO A 55 -32.61 15.20 -22.87
CA PRO A 55 -33.93 14.66 -22.47
C PRO A 55 -33.82 13.31 -21.75
N ASP A 56 -32.67 12.66 -21.84
CA ASP A 56 -32.46 11.38 -21.17
C ASP A 56 -31.88 11.55 -19.76
N TYR A 57 -32.25 12.64 -19.09
CA TYR A 57 -31.79 12.86 -17.72
C TYR A 57 -32.82 12.44 -16.68
N PHE A 58 -33.98 13.09 -16.68
CA PHE A 58 -35.02 12.77 -15.71
C PHE A 58 -35.46 11.29 -15.74
N ASP A 59 -35.22 10.61 -16.88
CA ASP A 59 -35.58 9.19 -17.02
C ASP A 59 -34.54 8.28 -16.38
N ILE A 60 -33.34 8.80 -16.18
CA ILE A 60 -32.24 8.03 -15.58
C ILE A 60 -32.07 8.36 -14.09
N VAL A 61 -32.33 9.62 -13.75
CA VAL A 61 -32.29 10.08 -12.37
C VAL A 61 -33.71 10.32 -11.87
N LYS A 62 -34.23 9.38 -11.08
CA LYS A 62 -35.64 9.42 -10.67
C LYS A 62 -35.93 10.50 -9.62
N SER A 63 -34.97 10.70 -8.72
CA SER A 63 -35.06 11.74 -7.70
C SER A 63 -33.70 12.40 -7.56
N PRO A 64 -33.57 13.64 -8.07
CA PRO A 64 -32.30 14.36 -8.23
C PRO A 64 -31.92 15.24 -7.02
N MET A 65 -30.69 15.72 -7.01
CA MET A 65 -30.24 16.62 -5.94
C MET A 65 -29.12 17.54 -6.37
N ASP A 66 -29.11 18.73 -5.77
CA ASP A 66 -28.10 19.73 -6.00
C ASP A 66 -27.79 20.45 -4.69
N LEU A 67 -26.84 21.38 -4.73
CA LEU A 67 -26.38 22.05 -3.51
C LEU A 67 -27.41 22.99 -2.85
N SER A 68 -28.19 23.71 -3.64
CA SER A 68 -29.14 24.67 -3.07
C SER A 68 -30.37 23.98 -2.47
N THR A 69 -30.81 22.90 -3.09
CA THR A 69 -31.91 22.11 -2.54
C THR A 69 -31.56 21.64 -1.14
N ILE A 70 -30.35 21.11 -0.99
CA ILE A 70 -29.85 20.69 0.32
C ILE A 70 -29.75 21.86 1.29
N LYS A 71 -29.30 23.02 0.80
CA LYS A 71 -29.15 24.19 1.67
C LYS A 71 -30.50 24.71 2.13
N ARG A 72 -31.48 24.74 1.22
CA ARG A 72 -32.81 25.22 1.56
C ARG A 72 -33.39 24.39 2.69
N LYS A 73 -33.26 23.06 2.57
CA LYS A 73 -33.77 22.14 3.58
C LYS A 73 -33.07 22.35 4.91
N LEU A 74 -31.80 22.70 4.86
CA LEU A 74 -31.03 22.93 6.07
C LEU A 74 -31.37 24.28 6.72
N ASP A 75 -31.76 25.24 5.90
CA ASP A 75 -32.12 26.58 6.38
C ASP A 75 -33.55 26.64 6.89
N THR A 76 -34.47 26.02 6.16
CA THR A 76 -35.86 25.96 6.60
C THR A 76 -36.02 25.07 7.85
N GLY A 77 -35.41 23.89 7.81
CA GLY A 77 -35.46 22.99 8.95
C GLY A 77 -36.10 21.64 8.63
N GLN A 78 -35.89 21.17 7.40
CA GLN A 78 -36.52 19.94 6.91
C GLN A 78 -35.69 18.67 7.19
N TYR A 79 -34.71 18.78 8.08
CA TYR A 79 -33.92 17.62 8.47
C TYR A 79 -34.18 17.25 9.93
N GLN A 80 -34.93 16.17 10.14
CA GLN A 80 -35.23 15.70 11.48
C GLN A 80 -33.95 15.28 12.20
N GLU A 81 -33.12 14.49 11.52
CA GLU A 81 -31.90 13.89 12.08
C GLU A 81 -30.75 13.94 11.05
N PRO A 82 -29.51 14.05 11.52
CA PRO A 82 -28.32 14.26 10.67
C PRO A 82 -28.17 13.35 9.45
N TRP A 83 -28.60 12.10 9.54
CA TRP A 83 -28.39 11.16 8.44
C TRP A 83 -29.17 11.55 7.18
N GLN A 84 -30.28 12.25 7.37
CA GLN A 84 -31.07 12.70 6.23
C GLN A 84 -30.23 13.65 5.38
N TYR A 85 -29.44 14.49 6.04
CA TYR A 85 -28.56 15.42 5.35
C TYR A 85 -27.43 14.67 4.64
N VAL A 86 -26.85 13.68 5.31
CA VAL A 86 -25.83 12.85 4.68
C VAL A 86 -26.42 12.10 3.49
N ASP A 87 -27.63 11.57 3.67
CA ASP A 87 -28.29 10.82 2.60
C ASP A 87 -28.51 11.64 1.34
N ASP A 88 -28.97 12.88 1.48
CA ASP A 88 -29.15 13.75 0.33
C ASP A 88 -27.80 14.06 -0.32
N ILE A 89 -26.79 14.31 0.50
CA ILE A 89 -25.45 14.62 0.00
C ILE A 89 -24.95 13.48 -0.90
N TRP A 90 -25.21 12.25 -0.48
CA TRP A 90 -24.82 11.12 -1.30
C TRP A 90 -25.72 10.91 -2.51
N LEU A 91 -27.00 11.23 -2.35
CA LEU A 91 -27.96 11.13 -3.45
C LEU A 91 -27.42 11.96 -4.61
N MET A 92 -27.04 13.19 -4.30
CA MET A 92 -26.49 14.13 -5.26
C MET A 92 -25.27 13.57 -5.98
N PHE A 93 -24.32 13.05 -5.20
CA PHE A 93 -23.14 12.42 -5.78
C PHE A 93 -23.54 11.26 -6.69
N ASN A 94 -24.41 10.38 -6.18
CA ASN A 94 -24.81 9.17 -6.88
C ASN A 94 -25.45 9.38 -8.26
N ASN A 95 -26.41 10.29 -8.33
CA ASN A 95 -27.04 10.66 -9.60
C ASN A 95 -25.93 11.06 -10.58
N ALA A 96 -24.99 11.85 -10.06
CA ALA A 96 -23.93 12.43 -10.87
C ALA A 96 -22.97 11.37 -11.43
N TRP A 97 -22.81 10.27 -10.71
CA TRP A 97 -21.97 9.17 -11.17
C TRP A 97 -22.75 8.27 -12.15
N LEU A 98 -24.05 8.15 -11.94
CA LEU A 98 -24.91 7.29 -12.75
C LEU A 98 -25.07 7.81 -14.19
N TYR A 99 -24.82 9.10 -14.41
CA TYR A 99 -24.98 9.69 -15.74
C TYR A 99 -23.66 9.74 -16.53
N ASN A 100 -22.67 10.45 -16.00
CA ASN A 100 -21.40 10.60 -16.67
C ASN A 100 -20.54 9.35 -16.52
N ARG A 101 -19.49 9.24 -17.33
CA ARG A 101 -18.57 8.10 -17.26
C ARG A 101 -17.32 8.46 -16.48
N LYS A 102 -16.53 7.44 -16.17
CA LYS A 102 -15.26 7.58 -15.43
C LYS A 102 -14.27 8.49 -16.17
N THR A 103 -14.71 9.02 -17.30
CA THR A 103 -13.84 9.67 -18.26
C THR A 103 -14.13 11.16 -18.44
N SER A 104 -15.35 11.58 -18.10
CA SER A 104 -15.78 12.96 -18.33
C SER A 104 -15.32 13.91 -17.24
N ARG A 105 -15.79 15.15 -17.31
CA ARG A 105 -15.38 16.20 -16.37
C ARG A 105 -16.28 16.26 -15.13
N VAL A 106 -17.58 16.07 -15.32
CA VAL A 106 -18.53 16.12 -14.21
C VAL A 106 -18.19 15.05 -13.19
N TYR A 107 -17.85 13.87 -13.69
CA TYR A 107 -17.48 12.73 -12.87
C TYR A 107 -16.31 13.13 -11.99
N LYS A 108 -15.22 13.56 -12.63
CA LYS A 108 -14.02 13.98 -11.91
C LYS A 108 -14.33 15.01 -10.83
N TYR A 109 -15.26 15.92 -11.14
CA TYR A 109 -15.67 16.96 -10.19
C TYR A 109 -16.41 16.33 -9.01
N CYS A 110 -17.41 15.50 -9.31
CA CYS A 110 -18.21 14.83 -8.30
C CYS A 110 -17.34 13.98 -7.38
N SER A 111 -16.29 13.40 -7.94
CA SER A 111 -15.31 12.66 -7.17
C SER A 111 -14.65 13.58 -6.16
N LYS A 112 -14.33 14.79 -6.60
CA LYS A 112 -13.59 15.72 -5.75
C LYS A 112 -14.45 16.11 -4.56
N LEU A 113 -15.71 16.46 -4.84
CA LEU A 113 -16.62 16.90 -3.79
C LEU A 113 -16.82 15.83 -2.73
N SER A 114 -17.13 14.61 -3.18
CA SER A 114 -17.26 13.50 -2.25
C SER A 114 -15.97 13.30 -1.48
N GLU A 115 -14.85 13.40 -2.17
CA GLU A 115 -13.55 13.24 -1.54
C GLU A 115 -13.36 14.31 -0.46
N VAL A 116 -13.76 15.54 -0.75
CA VAL A 116 -13.73 16.62 0.23
C VAL A 116 -14.71 16.36 1.36
N PHE A 117 -15.89 15.83 1.00
CA PHE A 117 -16.99 15.63 1.94
C PHE A 117 -16.69 14.50 2.90
N GLU A 118 -16.02 13.47 2.39
CA GLU A 118 -15.59 12.36 3.23
C GLU A 118 -14.71 12.90 4.35
N GLN A 119 -14.00 13.99 4.07
CA GLN A 119 -13.06 14.58 5.01
C GLN A 119 -13.72 15.38 6.13
N GLU A 120 -14.75 16.14 5.79
CA GLU A 120 -15.31 17.07 6.77
C GLU A 120 -16.37 16.42 7.64
N ILE A 121 -17.09 15.45 7.08
CA ILE A 121 -18.34 15.01 7.68
C ILE A 121 -18.13 14.20 8.95
N ASP A 122 -16.99 13.51 9.01
CA ASP A 122 -16.75 12.57 10.11
C ASP A 122 -16.64 13.26 11.49
N PRO A 123 -15.76 14.27 11.61
CA PRO A 123 -15.72 14.96 12.90
C PRO A 123 -17.06 15.57 13.28
N VAL A 124 -17.74 16.19 12.32
CA VAL A 124 -19.00 16.89 12.56
C VAL A 124 -20.07 15.92 13.06
N MET A 125 -20.16 14.77 12.42
CA MET A 125 -21.14 13.77 12.81
C MET A 125 -20.81 13.27 14.21
N GLN A 126 -19.52 13.12 14.50
CA GLN A 126 -19.09 12.71 15.83
C GLN A 126 -19.43 13.80 16.86
N SER A 127 -19.40 15.06 16.45
CA SER A 127 -19.80 16.17 17.32
C SER A 127 -21.23 15.97 17.79
N LEU A 128 -22.08 15.53 16.86
CA LEU A 128 -23.49 15.29 17.15
C LEU A 128 -23.74 13.99 17.94
N GLY A 129 -22.66 13.26 18.26
CA GLY A 129 -22.77 12.09 19.11
C GLY A 129 -22.89 10.76 18.37
N TYR A 130 -22.53 10.76 17.10
CA TYR A 130 -22.67 9.58 16.26
C TYR A 130 -21.34 8.84 16.13
N CYS A 131 -21.38 7.65 15.53
CA CYS A 131 -20.20 6.82 15.34
C CYS A 131 -19.32 7.34 14.23
N CYS A 132 -19.91 7.67 13.09
CA CYS A 132 -19.15 8.27 11.99
C CYS A 132 -20.09 9.03 11.08
N GLY A 133 -19.64 9.36 9.87
CA GLY A 133 -20.50 10.08 8.93
C GLY A 133 -20.41 9.53 7.53
N ARG A 134 -19.86 8.32 7.41
CA ARG A 134 -19.70 7.68 6.12
C ARG A 134 -20.99 7.00 5.70
N LYS A 135 -21.24 6.97 4.40
CA LYS A 135 -22.29 6.13 3.83
C LYS A 135 -21.64 4.77 3.58
N LEU A 136 -22.14 3.73 4.22
CA LEU A 136 -21.43 2.45 4.16
C LEU A 136 -22.21 1.30 3.51
N GLU A 137 -21.58 0.66 2.52
CA GLU A 137 -22.21 -0.48 1.89
C GLU A 137 -21.24 -1.65 1.65
N PHE A 138 -21.80 -2.82 1.39
CA PHE A 138 -21.00 -4.03 1.17
C PHE A 138 -20.77 -4.22 -0.31
N SER A 139 -19.53 -4.08 -0.77
CA SER A 139 -19.19 -4.31 -2.17
C SER A 139 -19.53 -5.74 -2.56
N PRO A 140 -20.03 -5.93 -3.78
CA PRO A 140 -20.46 -7.28 -4.18
C PRO A 140 -19.33 -8.29 -4.12
N GLN A 141 -19.57 -9.40 -3.45
CA GLN A 141 -18.58 -10.46 -3.28
C GLN A 141 -18.31 -11.17 -4.59
N THR A 142 -17.18 -11.86 -4.64
CA THR A 142 -16.88 -12.70 -5.78
C THR A 142 -17.69 -13.98 -5.63
N LEU A 143 -18.16 -14.56 -6.73
CA LEU A 143 -18.95 -15.78 -6.68
C LEU A 143 -18.23 -16.96 -7.32
N CYS A 144 -18.72 -18.17 -7.09
CA CYS A 144 -18.14 -19.36 -7.72
C CYS A 144 -18.78 -19.65 -9.06
N CYS A 145 -18.02 -19.48 -10.14
CA CYS A 145 -18.43 -19.98 -11.45
C CYS A 145 -18.59 -21.49 -11.32
N TYR A 146 -19.60 -22.05 -11.96
CA TYR A 146 -19.96 -23.45 -11.73
C TYR A 146 -19.45 -24.34 -12.86
N GLY A 147 -18.87 -23.75 -13.90
CA GLY A 147 -18.47 -24.49 -15.08
C GLY A 147 -17.08 -25.11 -15.05
N LYS A 148 -16.07 -24.29 -14.76
CA LYS A 148 -14.68 -24.71 -14.86
C LYS A 148 -14.16 -25.35 -13.57
N GLN A 149 -14.74 -24.92 -12.44
CA GLN A 149 -14.31 -25.28 -11.07
C GLN A 149 -13.13 -24.46 -10.54
N LEU A 150 -12.56 -23.61 -11.40
CA LEU A 150 -11.53 -22.65 -10.99
C LEU A 150 -12.06 -21.26 -11.34
N CYS A 151 -12.99 -21.25 -12.29
CA CYS A 151 -13.72 -20.08 -12.75
C CYS A 151 -14.19 -19.23 -11.57
N THR A 152 -14.10 -17.92 -11.72
CA THR A 152 -14.49 -16.97 -10.66
C THR A 152 -15.26 -15.82 -11.25
N ILE A 153 -16.18 -15.25 -10.48
CA ILE A 153 -16.97 -14.11 -10.94
C ILE A 153 -16.67 -12.87 -10.12
N PRO A 154 -15.97 -11.91 -10.75
CA PRO A 154 -15.53 -10.68 -10.10
C PRO A 154 -16.66 -9.67 -10.02
N ARG A 155 -16.48 -8.65 -9.20
CA ARG A 155 -17.45 -7.58 -9.07
C ARG A 155 -17.71 -6.98 -10.45
N ASP A 156 -18.99 -6.65 -10.72
CA ASP A 156 -19.43 -5.97 -11.95
C ASP A 156 -19.47 -6.82 -13.23
N ALA A 157 -18.99 -8.06 -13.16
CA ALA A 157 -19.02 -8.93 -14.33
C ALA A 157 -20.45 -9.41 -14.67
N THR A 158 -20.62 -9.99 -15.86
CA THR A 158 -21.93 -10.46 -16.31
C THR A 158 -22.06 -11.98 -16.14
N TYR A 159 -23.09 -12.42 -15.43
CA TYR A 159 -23.24 -13.83 -15.09
C TYR A 159 -24.69 -14.30 -15.13
N TYR A 160 -24.87 -15.61 -15.13
CA TYR A 160 -26.19 -16.21 -15.28
C TYR A 160 -26.55 -17.07 -14.06
N SER A 161 -27.67 -16.76 -13.40
CA SER A 161 -28.06 -17.54 -12.23
C SER A 161 -29.41 -18.24 -12.41
N TYR A 162 -29.61 -19.29 -11.62
CA TYR A 162 -30.91 -19.96 -11.52
C TYR A 162 -31.19 -20.20 -10.04
N GLN A 163 -32.36 -19.76 -9.58
CA GLN A 163 -32.71 -19.79 -8.17
C GLN A 163 -31.62 -19.27 -7.23
N ASN A 164 -30.78 -18.37 -7.72
CA ASN A 164 -29.73 -17.75 -6.90
C ASN A 164 -28.73 -18.75 -6.27
N ARG A 165 -28.71 -19.99 -6.76
CA ARG A 165 -27.75 -21.01 -6.32
C ARG A 165 -26.63 -21.14 -7.34
N TYR A 166 -27.03 -21.48 -8.56
CA TYR A 166 -26.10 -21.86 -9.62
C TYR A 166 -25.80 -20.73 -10.59
N HIS A 167 -24.63 -20.12 -10.46
CA HIS A 167 -24.20 -19.00 -11.29
C HIS A 167 -23.13 -19.39 -12.33
N PHE A 168 -23.18 -18.77 -13.51
CA PHE A 168 -22.23 -19.08 -14.59
C PHE A 168 -21.61 -17.85 -15.26
N CYS A 169 -20.28 -17.82 -15.34
CA CYS A 169 -19.55 -16.76 -16.07
C CYS A 169 -19.95 -16.74 -17.55
N GLU A 170 -20.24 -15.56 -18.09
CA GLU A 170 -20.74 -15.42 -19.45
C GLU A 170 -19.91 -16.20 -20.48
N LYS A 171 -18.61 -16.33 -20.23
CA LYS A 171 -17.76 -17.12 -21.12
C LYS A 171 -18.12 -18.59 -20.96
N CYS A 172 -18.11 -19.08 -19.71
CA CYS A 172 -18.40 -20.47 -19.41
C CYS A 172 -19.79 -20.87 -19.90
N PHE A 173 -20.70 -19.91 -19.92
CA PHE A 173 -22.10 -20.17 -20.20
C PHE A 173 -22.35 -20.42 -21.68
N ASN A 174 -21.52 -19.83 -22.53
CA ASN A 174 -21.66 -20.05 -23.95
C ASN A 174 -20.81 -21.22 -24.39
N GLU A 175 -19.99 -21.70 -23.46
CA GLU A 175 -19.18 -22.91 -23.67
C GLU A 175 -19.99 -24.17 -23.37
N ILE A 176 -21.30 -23.98 -23.18
CA ILE A 176 -22.25 -25.06 -22.90
C ILE A 176 -22.89 -25.52 -24.21
N GLN A 177 -23.24 -26.81 -24.26
CA GLN A 177 -23.82 -27.37 -25.48
C GLN A 177 -25.29 -27.00 -25.65
N GLY A 178 -25.58 -26.21 -26.68
CA GLY A 178 -26.95 -25.87 -27.04
C GLY A 178 -27.70 -25.07 -25.99
N GLU A 179 -28.84 -25.61 -25.53
CA GLU A 179 -29.72 -24.91 -24.59
C GLU A 179 -30.06 -25.72 -23.33
N SER A 180 -29.45 -26.88 -23.17
CA SER A 180 -29.73 -27.74 -22.03
C SER A 180 -28.54 -27.82 -21.08
N VAL A 181 -28.79 -27.49 -19.80
CA VAL A 181 -27.71 -27.43 -18.80
C VAL A 181 -27.84 -28.46 -17.68
N SER A 182 -26.82 -29.30 -17.52
CA SER A 182 -26.77 -30.24 -16.40
C SER A 182 -26.51 -29.45 -15.13
N LEU A 183 -27.26 -29.73 -14.09
CA LEU A 183 -27.23 -28.88 -12.90
C LEU A 183 -27.66 -29.61 -11.64
N GLY A 184 -27.17 -29.14 -10.50
CA GLY A 184 -27.59 -29.68 -9.21
C GLY A 184 -27.00 -31.04 -8.93
N ASP A 185 -25.83 -31.28 -9.50
CA ASP A 185 -25.09 -32.51 -9.24
C ASP A 185 -24.42 -32.41 -7.87
N ASP A 186 -24.68 -31.28 -7.19
CA ASP A 186 -24.11 -30.97 -5.88
C ASP A 186 -24.47 -31.98 -4.76
N PRO A 187 -25.75 -32.09 -4.32
CA PRO A 187 -25.95 -33.13 -3.31
C PRO A 187 -26.49 -34.47 -3.85
N SER A 188 -25.74 -35.55 -3.63
CA SER A 188 -26.17 -36.92 -3.92
C SER A 188 -26.33 -37.26 -5.40
N GLN A 189 -27.38 -38.01 -5.72
CA GLN A 189 -27.67 -38.49 -7.08
C GLN A 189 -28.32 -37.50 -8.10
N PRO A 190 -29.34 -36.71 -7.70
CA PRO A 190 -30.12 -35.89 -8.65
C PRO A 190 -29.36 -35.15 -9.76
N GLN A 191 -29.75 -35.41 -11.01
CA GLN A 191 -29.23 -34.71 -12.18
C GLN A 191 -30.33 -33.89 -12.87
N THR A 192 -30.91 -32.94 -12.14
CA THR A 192 -31.99 -32.09 -12.65
C THR A 192 -31.50 -31.21 -13.82
N THR A 193 -32.15 -31.34 -14.97
CA THR A 193 -31.67 -30.67 -16.18
C THR A 193 -32.47 -29.42 -16.52
N ILE A 194 -31.78 -28.29 -16.53
CA ILE A 194 -32.40 -26.98 -16.65
C ILE A 194 -32.09 -26.36 -18.00
N ASN A 195 -33.10 -25.72 -18.61
CA ASN A 195 -32.91 -25.06 -19.90
C ASN A 195 -32.28 -23.67 -19.77
N LYS A 196 -31.53 -23.27 -20.80
CA LYS A 196 -30.85 -21.97 -20.83
C LYS A 196 -31.85 -20.83 -20.66
N GLU A 197 -33.04 -21.00 -21.23
CA GLU A 197 -34.10 -19.99 -21.20
C GLU A 197 -34.55 -19.62 -19.78
N GLN A 198 -34.28 -20.49 -18.81
CA GLN A 198 -34.79 -20.32 -17.46
C GLN A 198 -33.87 -19.49 -16.55
N PHE A 199 -32.68 -19.13 -17.05
CA PHE A 199 -31.69 -18.39 -16.27
C PHE A 199 -31.91 -16.88 -16.25
N SER A 200 -31.31 -16.22 -15.27
CA SER A 200 -31.31 -14.76 -15.24
C SER A 200 -29.95 -14.19 -15.67
N LYS A 201 -29.96 -13.32 -16.67
CA LYS A 201 -28.78 -12.59 -17.07
C LYS A 201 -28.58 -11.49 -16.03
N ARG A 202 -27.43 -11.48 -15.36
CA ARG A 202 -27.18 -10.53 -14.26
C ARG A 202 -25.86 -9.79 -14.42
N LYS A 203 -25.71 -8.72 -13.65
CA LYS A 203 -24.41 -8.11 -13.41
C LYS A 203 -24.14 -8.21 -11.91
N ASN A 204 -22.97 -8.74 -11.55
CA ASN A 204 -22.60 -8.86 -10.15
C ASN A 204 -22.30 -7.47 -9.59
N ASP A 205 -23.35 -6.67 -9.38
CA ASP A 205 -23.22 -5.25 -9.03
C ASP A 205 -24.11 -4.75 -7.89
N THR A 206 -24.79 -5.67 -7.20
CA THR A 206 -25.67 -5.30 -6.10
C THR A 206 -24.94 -4.77 -4.88
N LEU A 207 -25.35 -3.61 -4.37
CA LEU A 207 -24.73 -3.02 -3.20
C LEU A 207 -25.66 -3.03 -1.99
N ASP A 208 -25.51 -3.97 -1.06
CA ASP A 208 -26.29 -3.95 0.19
C ASP A 208 -25.75 -2.90 1.17
N PRO A 209 -26.62 -2.04 1.71
CA PRO A 209 -26.21 -1.05 2.73
C PRO A 209 -25.80 -1.75 4.01
N GLU A 210 -24.97 -1.12 4.86
CA GLU A 210 -24.71 -1.66 6.19
C GLU A 210 -25.93 -1.37 7.04
N LEU A 211 -26.13 -2.17 8.08
CA LEU A 211 -27.28 -2.01 8.96
C LEU A 211 -27.04 -1.04 10.09
N PHE A 212 -28.07 -0.35 10.50
CA PHE A 212 -27.99 0.48 11.69
C PHE A 212 -28.68 -0.20 12.88
N VAL A 213 -28.32 0.22 14.08
CA VAL A 213 -29.05 -0.13 15.30
C VAL A 213 -29.39 1.19 16.01
N GLU A 214 -30.54 1.24 16.66
CA GLU A 214 -31.01 2.48 17.27
C GLU A 214 -30.63 2.46 18.74
N CYS A 215 -30.24 3.60 19.31
CA CYS A 215 -30.00 3.66 20.75
C CYS A 215 -31.33 3.71 21.47
N THR A 216 -31.53 2.80 22.41
CA THR A 216 -32.79 2.75 23.17
C THR A 216 -33.00 3.92 24.16
N GLU A 217 -32.00 4.79 24.30
CA GLU A 217 -32.09 5.99 25.13
C GLU A 217 -31.94 7.28 24.32
N CYS A 218 -31.05 7.25 23.32
CA CYS A 218 -30.82 8.39 22.43
C CYS A 218 -31.88 8.49 21.34
N GLY A 219 -31.96 7.46 20.50
CA GLY A 219 -32.81 7.45 19.33
C GLY A 219 -31.97 7.55 18.05
N ARG A 220 -30.65 7.63 18.23
CA ARG A 220 -29.71 7.82 17.12
C ARG A 220 -29.45 6.53 16.34
N LYS A 221 -29.66 6.57 15.02
CA LYS A 221 -29.21 5.49 14.15
C LYS A 221 -27.68 5.41 14.21
N MET A 222 -27.11 4.26 14.54
CA MET A 222 -25.66 4.11 14.45
C MET A 222 -25.28 2.82 13.74
N HIS A 223 -24.16 2.83 13.02
CA HIS A 223 -23.70 1.66 12.29
C HIS A 223 -23.49 0.49 13.25
N GLN A 224 -24.13 -0.64 12.97
CA GLN A 224 -23.99 -1.81 13.83
C GLN A 224 -22.52 -2.15 14.03
N ILE A 225 -21.77 -2.19 12.93
CA ILE A 225 -20.37 -2.58 12.94
C ILE A 225 -19.49 -1.58 13.70
N CYS A 226 -19.86 -0.31 13.66
CA CYS A 226 -19.11 0.73 14.37
C CYS A 226 -19.24 0.58 15.87
N VAL A 227 -20.46 0.46 16.37
CA VAL A 227 -20.68 0.37 17.80
C VAL A 227 -20.58 -1.07 18.33
N LEU A 228 -20.26 -2.02 17.47
CA LEU A 228 -20.17 -3.44 17.87
C LEU A 228 -21.27 -3.91 18.83
N HIS A 229 -22.52 -3.86 18.38
CA HIS A 229 -23.63 -4.30 19.21
C HIS A 229 -24.23 -5.58 18.66
N HIS A 230 -24.18 -6.64 19.46
CA HIS A 230 -24.73 -7.92 19.05
C HIS A 230 -25.90 -8.26 19.94
N GLU A 231 -27.05 -8.61 19.34
CA GLU A 231 -28.28 -8.89 20.08
C GLU A 231 -28.16 -10.00 21.12
N ILE A 232 -27.21 -10.92 20.92
CA ILE A 232 -27.01 -12.04 21.85
C ILE A 232 -26.23 -11.63 23.09
N ILE A 233 -25.21 -10.80 22.89
CA ILE A 233 -24.33 -10.41 23.98
C ILE A 233 -25.01 -9.39 24.90
N TRP A 234 -25.87 -8.56 24.34
CA TRP A 234 -26.55 -7.51 25.08
C TRP A 234 -28.04 -7.47 24.75
N PRO A 235 -28.80 -8.50 25.16
CA PRO A 235 -30.20 -8.62 24.73
C PRO A 235 -31.10 -7.49 25.26
N ALA A 236 -30.59 -6.73 26.22
CA ALA A 236 -31.39 -5.63 26.77
C ALA A 236 -31.61 -4.52 25.75
N GLY A 237 -30.82 -4.55 24.67
CA GLY A 237 -30.88 -3.52 23.66
C GLY A 237 -29.62 -2.68 23.69
N PHE A 238 -29.40 -1.94 22.60
CA PHE A 238 -28.20 -1.14 22.42
C PHE A 238 -28.29 0.22 23.11
N VAL A 239 -27.28 0.53 23.92
CA VAL A 239 -27.18 1.84 24.57
C VAL A 239 -25.82 2.43 24.23
N CYS A 240 -25.84 3.54 23.49
CA CYS A 240 -24.60 4.14 22.97
C CYS A 240 -23.71 4.66 24.09
N ASP A 241 -22.42 4.79 23.79
CA ASP A 241 -21.46 5.21 24.80
C ASP A 241 -21.86 6.55 25.44
N GLY A 242 -22.27 7.49 24.59
CA GLY A 242 -22.70 8.81 25.04
C GLY A 242 -23.67 8.75 26.19
N CYS A 243 -24.72 7.95 26.04
CA CYS A 243 -25.74 7.79 27.09
C CYS A 243 -25.17 7.03 28.29
N LEU A 244 -24.30 6.07 28.02
CA LEU A 244 -23.71 5.28 29.08
C LEU A 244 -22.80 6.15 29.95
N LYS A 245 -22.05 7.05 29.32
CA LYS A 245 -21.13 7.93 30.05
C LYS A 245 -21.87 8.95 30.90
N LYS A 246 -23.02 9.38 30.41
CA LYS A 246 -23.82 10.41 31.07
C LYS A 246 -24.52 9.86 32.32
N SER A 247 -24.46 8.54 32.52
CA SER A 247 -24.97 7.91 33.74
C SER A 247 -23.84 7.19 34.50
N ALA A 248 -22.60 7.49 34.12
CA ALA A 248 -21.41 6.95 34.78
C ALA A 248 -21.37 5.41 34.81
N ARG A 249 -21.88 4.80 33.75
CA ARG A 249 -21.95 3.35 33.67
C ARG A 249 -21.44 2.81 32.34
N THR A 250 -21.30 1.49 32.25
CA THR A 250 -20.80 0.84 31.04
C THR A 250 -21.56 -0.43 30.71
N ARG A 251 -21.33 -0.95 29.51
CA ARG A 251 -21.93 -2.19 29.04
C ARG A 251 -21.59 -3.35 29.96
N LYS A 252 -22.50 -4.33 30.04
CA LYS A 252 -22.16 -5.63 30.63
C LYS A 252 -20.87 -6.18 30.01
N GLU A 253 -20.21 -7.09 30.72
CA GLU A 253 -19.02 -7.73 30.20
C GLU A 253 -19.44 -8.60 29.02
N ASN A 254 -18.61 -8.63 27.98
CA ASN A 254 -18.84 -9.53 26.86
C ASN A 254 -18.29 -10.88 27.25
N LYS A 255 -19.16 -11.75 27.73
CA LYS A 255 -18.75 -13.07 28.19
C LYS A 255 -18.26 -13.93 27.03
N PHE A 256 -18.67 -13.59 25.81
CA PHE A 256 -18.35 -14.41 24.62
C PHE A 256 -17.01 -14.05 23.96
N SER A 257 -15.95 -13.99 24.74
CA SER A 257 -14.68 -13.43 24.27
C SER A 257 -13.75 -14.51 23.77
N ALA A 258 -12.74 -14.12 22.99
CA ALA A 258 -11.71 -15.09 22.60
C ALA A 258 -11.08 -15.73 23.81
N LYS A 259 -10.72 -14.89 24.77
CA LYS A 259 -10.03 -15.33 25.99
C LYS A 259 -10.84 -16.42 26.70
N ARG A 260 -12.17 -16.31 26.69
CA ARG A 260 -13.02 -17.23 27.45
C ARG A 260 -13.42 -18.46 26.66
N LEU A 261 -12.89 -18.61 25.45
CA LEU A 261 -12.96 -19.88 24.75
C LEU A 261 -12.17 -20.92 25.57
N PRO A 262 -12.64 -22.16 25.61
CA PRO A 262 -11.95 -23.16 26.43
C PRO A 262 -10.48 -23.35 26.09
N SER A 263 -9.67 -23.56 27.11
CA SER A 263 -8.24 -23.75 26.93
C SER A 263 -7.91 -25.19 26.57
N THR A 264 -6.79 -25.36 25.89
CA THR A 264 -6.26 -26.68 25.58
C THR A 264 -4.77 -26.55 25.75
N ARG A 265 -4.08 -27.68 25.85
CA ARG A 265 -2.64 -27.66 26.02
C ARG A 265 -1.97 -27.09 24.79
N LEU A 266 -2.46 -27.48 23.61
CA LEU A 266 -1.93 -27.00 22.35
C LEU A 266 -2.01 -25.47 22.29
N GLY A 267 -3.19 -24.92 22.56
CA GLY A 267 -3.37 -23.48 22.61
C GLY A 267 -2.48 -22.79 23.63
N THR A 268 -2.45 -23.32 24.84
CA THR A 268 -1.63 -22.73 25.87
C THR A 268 -0.16 -22.71 25.45
N PHE A 269 0.30 -23.79 24.82
CA PHE A 269 1.68 -23.88 24.41
C PHE A 269 1.96 -22.77 23.39
N LEU A 270 1.17 -22.74 22.32
CA LEU A 270 1.30 -21.73 21.29
C LEU A 270 1.25 -20.28 21.82
N GLU A 271 0.18 -19.90 22.53
CA GLU A 271 0.11 -18.53 23.08
C GLU A 271 1.26 -18.18 24.03
N ASN A 272 1.72 -19.13 24.85
CA ASN A 272 2.86 -18.85 25.72
C ASN A 272 4.07 -18.49 24.89
N ARG A 273 4.25 -19.19 23.78
CA ARG A 273 5.41 -18.96 22.94
C ARG A 273 5.35 -17.56 22.33
N VAL A 274 4.21 -17.25 21.72
CA VAL A 274 4.00 -15.95 21.10
C VAL A 274 4.19 -14.84 22.12
N ASN A 275 3.57 -15.00 23.29
CA ASN A 275 3.56 -13.94 24.28
C ASN A 275 4.94 -13.76 24.91
N ASP A 276 5.62 -14.86 25.16
CA ASP A 276 6.99 -14.78 25.65
C ASP A 276 7.83 -14.03 24.63
N PHE A 277 7.66 -14.38 23.35
CA PHE A 277 8.34 -13.72 22.24
C PHE A 277 8.07 -12.21 22.25
N LEU A 278 6.81 -11.85 22.39
CA LEU A 278 6.47 -10.46 22.41
C LEU A 278 7.14 -9.74 23.58
N ARG A 279 7.19 -10.40 24.74
CA ARG A 279 7.81 -9.75 25.90
C ARG A 279 9.30 -9.48 25.69
N ARG A 280 10.04 -10.45 25.15
CA ARG A 280 11.47 -10.24 24.90
C ARG A 280 11.75 -9.12 23.91
N GLN A 281 10.79 -8.87 23.00
CA GLN A 281 10.90 -7.77 22.06
C GLN A 281 10.70 -6.44 22.76
N ASN A 282 9.69 -6.39 23.62
CA ASN A 282 9.35 -5.17 24.33
C ASN A 282 9.10 -4.05 23.34
N HIS A 283 8.40 -4.38 22.27
CA HIS A 283 7.97 -3.40 21.28
C HIS A 283 6.75 -2.68 21.85
N PRO A 284 6.65 -1.37 21.61
CA PRO A 284 5.64 -0.59 22.32
C PRO A 284 4.17 -0.72 21.88
N GLU A 285 3.92 -1.04 20.62
CA GLU A 285 2.53 -1.16 20.16
C GLU A 285 1.86 -2.46 20.61
N SER A 286 2.59 -3.30 21.34
CA SER A 286 2.19 -4.71 21.43
C SER A 286 1.12 -5.01 22.47
N GLY A 287 0.37 -6.07 22.20
CA GLY A 287 -0.66 -6.55 23.09
C GLY A 287 -0.55 -8.05 23.16
N GLU A 288 -1.14 -8.67 24.17
CA GLU A 288 -1.06 -10.11 24.32
C GLU A 288 -1.88 -10.83 23.24
N VAL A 289 -1.39 -11.99 22.84
CA VAL A 289 -2.03 -12.82 21.84
C VAL A 289 -2.71 -14.02 22.51
N THR A 290 -3.97 -14.25 22.17
CA THR A 290 -4.69 -15.43 22.63
C THR A 290 -4.77 -16.48 21.50
N VAL A 291 -4.42 -17.73 21.80
CA VAL A 291 -4.57 -18.80 20.83
C VAL A 291 -5.53 -19.86 21.35
N ARG A 292 -6.49 -20.26 20.52
CA ARG A 292 -7.47 -21.23 20.93
C ARG A 292 -7.65 -22.34 19.91
N VAL A 293 -7.72 -23.57 20.38
CA VAL A 293 -8.13 -24.67 19.53
C VAL A 293 -9.65 -24.82 19.61
N VAL A 294 -10.31 -24.74 18.46
CA VAL A 294 -11.76 -24.61 18.48
C VAL A 294 -12.44 -25.79 17.83
N HIS A 295 -11.63 -26.67 17.24
CA HIS A 295 -12.15 -27.92 16.67
C HIS A 295 -11.11 -29.02 16.76
N ALA A 296 -11.58 -30.23 17.11
CA ALA A 296 -10.70 -31.39 17.10
C ALA A 296 -11.53 -32.62 16.91
N SER A 297 -11.30 -33.33 15.80
CA SER A 297 -12.13 -34.49 15.55
C SER A 297 -11.38 -35.56 14.78
N ASP A 298 -11.87 -36.81 14.88
CA ASP A 298 -11.22 -37.93 14.24
C ASP A 298 -11.88 -38.23 12.90
N LYS A 299 -11.05 -38.43 11.88
CA LYS A 299 -11.52 -38.64 10.51
C LYS A 299 -10.73 -39.76 9.85
N THR A 300 -11.14 -40.13 8.64
CA THR A 300 -10.32 -41.01 7.84
C THR A 300 -10.27 -40.45 6.44
N VAL A 301 -9.11 -40.52 5.81
CA VAL A 301 -9.01 -40.22 4.39
C VAL A 301 -9.02 -41.57 3.67
N GLU A 302 -9.84 -41.65 2.63
CA GLU A 302 -9.96 -42.88 1.89
C GLU A 302 -9.14 -42.79 0.62
N VAL A 303 -8.27 -43.75 0.40
CA VAL A 303 -7.56 -43.88 -0.86
C VAL A 303 -8.56 -43.93 -2.00
N LYS A 304 -8.34 -43.10 -3.02
CA LYS A 304 -9.26 -42.94 -4.15
C LYS A 304 -9.27 -44.16 -5.10
N PRO A 305 -10.24 -44.22 -6.02
CA PRO A 305 -10.44 -45.50 -6.72
C PRO A 305 -9.28 -46.03 -7.59
N GLY A 306 -8.52 -45.14 -8.22
CA GLY A 306 -7.36 -45.58 -8.99
C GLY A 306 -6.28 -46.21 -8.13
N MET A 307 -5.81 -45.47 -7.13
CA MET A 307 -4.81 -45.99 -6.22
C MET A 307 -5.34 -47.19 -5.45
N LYS A 308 -6.64 -47.18 -5.15
CA LYS A 308 -7.21 -48.31 -4.42
C LYS A 308 -7.09 -49.58 -5.26
N ALA A 309 -7.35 -49.48 -6.57
CA ALA A 309 -7.31 -50.69 -7.41
C ALA A 309 -5.89 -51.16 -7.68
N ARG A 310 -4.94 -50.24 -7.72
CA ARG A 310 -3.55 -50.64 -7.97
C ARG A 310 -2.89 -51.26 -6.75
N PHE A 311 -3.11 -50.62 -5.60
CA PHE A 311 -2.32 -50.90 -4.39
C PHE A 311 -3.11 -51.47 -3.22
N VAL A 312 -4.37 -51.08 -3.11
CA VAL A 312 -5.12 -51.52 -1.95
C VAL A 312 -5.67 -52.93 -2.18
N ASP A 313 -6.30 -53.14 -3.31
CA ASP A 313 -6.89 -54.44 -3.59
C ASP A 313 -5.87 -55.59 -3.60
N SER A 314 -4.60 -55.29 -3.85
CA SER A 314 -3.58 -56.33 -3.85
C SER A 314 -2.92 -56.35 -2.50
N GLY A 315 -3.39 -55.49 -1.61
CA GLY A 315 -2.93 -55.49 -0.23
C GLY A 315 -1.55 -54.92 -0.03
N GLU A 316 -1.17 -53.95 -0.86
CA GLU A 316 0.12 -53.28 -0.73
C GLU A 316 0.02 -51.98 0.04
N MET A 317 -1.19 -51.61 0.46
CA MET A 317 -1.47 -50.27 1.01
C MET A 317 -2.83 -50.24 1.71
N ALA A 318 -2.95 -49.52 2.81
CA ALA A 318 -4.22 -49.47 3.54
C ALA A 318 -5.30 -48.80 2.70
N GLU A 319 -6.57 -49.14 2.92
CA GLU A 319 -7.61 -48.54 2.11
C GLU A 319 -7.90 -47.14 2.62
N SER A 320 -7.53 -46.88 3.87
CA SER A 320 -7.75 -45.55 4.46
C SER A 320 -6.80 -45.33 5.62
N PHE A 321 -6.58 -44.08 5.97
CA PHE A 321 -5.70 -43.73 7.09
C PHE A 321 -6.45 -42.83 8.07
N PRO A 322 -6.43 -43.17 9.36
CA PRO A 322 -7.15 -42.33 10.32
C PRO A 322 -6.31 -41.14 10.75
N TYR A 323 -6.92 -39.98 10.88
CA TYR A 323 -6.23 -38.80 11.39
C TYR A 323 -7.12 -37.92 12.24
N ARG A 324 -6.50 -37.16 13.15
CA ARG A 324 -7.22 -36.13 13.86
C ARG A 324 -7.05 -34.79 13.15
N THR A 325 -8.14 -34.03 13.07
CA THR A 325 -8.08 -32.72 12.45
C THR A 325 -8.41 -31.70 13.50
N LYS A 326 -7.67 -30.60 13.48
CA LYS A 326 -7.78 -29.51 14.44
C LYS A 326 -7.83 -28.16 13.72
N ALA A 327 -8.60 -27.22 14.27
CA ALA A 327 -8.65 -25.85 13.75
C ALA A 327 -8.23 -24.93 14.88
N LEU A 328 -7.23 -24.09 14.65
CA LEU A 328 -6.82 -23.16 15.69
C LEU A 328 -6.72 -21.74 15.17
N PHE A 329 -7.06 -20.79 16.03
CA PHE A 329 -7.08 -19.38 15.68
C PHE A 329 -6.32 -18.57 16.74
N ALA A 330 -5.72 -17.47 16.29
CA ALA A 330 -5.02 -16.55 17.17
C ALA A 330 -5.76 -15.23 17.17
N PHE A 331 -5.83 -14.59 18.34
CA PHE A 331 -6.56 -13.35 18.46
C PHE A 331 -5.67 -12.37 19.18
N GLU A 332 -5.92 -11.09 18.95
CA GLU A 332 -5.24 -10.00 19.63
C GLU A 332 -6.30 -9.00 20.05
N GLU A 333 -6.09 -8.33 21.16
CA GLU A 333 -6.97 -7.25 21.55
C GLU A 333 -6.55 -5.91 20.91
N ILE A 334 -7.36 -5.39 20.00
CA ILE A 334 -7.10 -4.09 19.42
C ILE A 334 -8.21 -3.08 19.75
N ASP A 335 -7.82 -1.96 20.34
CA ASP A 335 -8.79 -0.97 20.82
C ASP A 335 -9.77 -1.60 21.81
N GLY A 336 -9.29 -2.46 22.68
CA GLY A 336 -10.12 -3.09 23.71
C GLY A 336 -11.15 -4.10 23.21
N VAL A 337 -10.97 -4.58 21.97
CA VAL A 337 -11.90 -5.52 21.33
C VAL A 337 -11.14 -6.65 20.61
N ASP A 338 -11.62 -7.88 20.76
CA ASP A 338 -11.00 -9.05 20.13
C ASP A 338 -11.01 -8.94 18.62
N LEU A 339 -9.87 -9.25 18.00
CA LEU A 339 -9.79 -9.36 16.55
C LEU A 339 -9.04 -10.64 16.16
N CYS A 340 -9.58 -11.38 15.21
CA CYS A 340 -8.98 -12.64 14.81
C CYS A 340 -8.03 -12.41 13.64
N PHE A 341 -6.77 -12.78 13.79
CA PHE A 341 -5.77 -12.41 12.79
C PHE A 341 -5.06 -13.58 12.13
N PHE A 342 -5.24 -14.77 12.67
CA PHE A 342 -4.58 -15.97 12.14
C PHE A 342 -5.41 -17.21 12.34
N GLY A 343 -5.40 -18.08 11.34
CA GLY A 343 -6.11 -19.34 11.42
C GLY A 343 -5.37 -20.46 10.72
N MET A 344 -5.60 -21.68 11.18
CA MET A 344 -4.89 -22.84 10.63
C MET A 344 -5.70 -24.11 10.88
N HIS A 345 -5.80 -24.97 9.87
CA HIS A 345 -6.34 -26.30 10.08
C HIS A 345 -5.23 -27.33 9.89
N VAL A 346 -5.17 -28.35 10.74
CA VAL A 346 -4.12 -29.33 10.59
C VAL A 346 -4.67 -30.71 10.59
N GLN A 347 -3.89 -31.62 10.00
CA GLN A 347 -4.18 -33.04 10.02
C GLN A 347 -3.04 -33.78 10.72
N GLU A 348 -3.40 -34.56 11.75
CA GLU A 348 -2.41 -35.30 12.51
C GLU A 348 -2.60 -36.82 12.43
N TYR A 349 -1.62 -37.50 11.85
CA TYR A 349 -1.72 -38.94 11.68
C TYR A 349 -0.88 -39.58 12.75
N GLY A 350 -1.54 -40.18 13.73
CA GLY A 350 -0.87 -40.71 14.91
C GLY A 350 -0.03 -41.97 14.71
N SER A 351 0.31 -42.60 15.81
CA SER A 351 1.15 -43.79 15.77
C SER A 351 0.33 -45.01 15.42
N ASP A 352 -1.00 -44.86 15.46
CA ASP A 352 -1.88 -45.97 15.17
C ASP A 352 -2.22 -45.98 13.69
N CYS A 353 -1.81 -44.94 13.00
CA CYS A 353 -2.06 -44.87 11.60
C CYS A 353 -0.96 -45.63 10.86
N PRO A 354 -1.34 -46.41 9.83
CA PRO A 354 -0.34 -47.25 9.15
C PRO A 354 0.53 -46.46 8.19
N PRO A 355 1.67 -47.04 7.78
CA PRO A 355 2.49 -46.43 6.72
C PRO A 355 1.63 -46.21 5.49
N PRO A 356 1.93 -45.17 4.72
CA PRO A 356 3.09 -44.32 4.97
C PRO A 356 2.77 -43.03 5.73
N ASN A 357 1.56 -42.88 6.26
CA ASN A 357 1.14 -41.64 6.91
C ASN A 357 1.49 -41.56 8.38
N GLN A 358 2.05 -42.64 8.90
CA GLN A 358 2.34 -42.78 10.31
C GLN A 358 3.19 -41.65 10.86
N ARG A 359 2.72 -41.05 11.96
CA ARG A 359 3.48 -40.03 12.68
C ARG A 359 3.78 -38.80 11.84
N ARG A 360 2.88 -38.47 10.92
CA ARG A 360 3.04 -37.27 10.10
C ARG A 360 1.96 -36.24 10.39
N VAL A 361 2.31 -34.96 10.27
CA VAL A 361 1.32 -33.90 10.37
C VAL A 361 1.37 -33.11 9.09
N TYR A 362 0.21 -32.58 8.74
CA TYR A 362 0.04 -31.86 7.51
C TYR A 362 -0.76 -30.59 7.77
N ILE A 363 -0.26 -29.48 7.28
CA ILE A 363 -0.97 -28.23 7.42
C ILE A 363 -1.87 -28.06 6.20
N SER A 364 -3.17 -28.23 6.43
CA SER A 364 -4.17 -28.16 5.38
C SER A 364 -4.20 -26.79 4.76
N TYR A 365 -4.37 -25.80 5.63
CA TYR A 365 -4.68 -24.44 5.23
C TYR A 365 -4.21 -23.52 6.34
N LEU A 366 -3.66 -22.36 5.96
CA LEU A 366 -3.38 -21.31 6.92
C LEU A 366 -3.66 -19.96 6.26
N ASP A 367 -3.99 -18.95 7.05
CA ASP A 367 -4.56 -17.74 6.48
C ASP A 367 -4.49 -16.67 7.56
N SER A 368 -4.64 -15.39 7.16
CA SER A 368 -4.54 -14.28 8.10
C SER A 368 -5.19 -13.00 7.60
N VAL A 369 -5.46 -12.09 8.52
CA VAL A 369 -5.81 -10.74 8.13
C VAL A 369 -4.77 -9.81 8.75
N HIS A 370 -4.22 -8.91 7.93
CA HIS A 370 -3.00 -8.20 8.34
C HIS A 370 -3.15 -7.05 9.37
N PHE A 371 -3.96 -7.24 10.40
CA PHE A 371 -4.25 -6.14 11.34
C PHE A 371 -3.54 -6.22 12.66
N PHE A 372 -2.72 -7.25 12.81
CA PHE A 372 -1.96 -7.45 14.03
C PHE A 372 -1.17 -6.19 14.31
N ARG A 373 -1.10 -5.84 15.60
CA ARG A 373 -0.31 -4.70 16.04
C ARG A 373 0.79 -5.24 16.94
N PRO A 374 2.04 -4.81 16.72
CA PRO A 374 2.53 -3.91 15.66
C PRO A 374 2.84 -4.61 14.32
N LYS A 375 2.65 -3.92 13.19
CA LYS A 375 3.00 -4.45 11.88
C LYS A 375 4.39 -5.07 11.88
N CYS A 376 5.28 -4.42 12.61
CA CYS A 376 6.70 -4.75 12.64
C CYS A 376 6.96 -6.20 12.95
N LEU A 377 6.09 -6.80 13.77
CA LEU A 377 6.30 -8.15 14.29
C LEU A 377 5.31 -9.17 13.73
N ARG A 378 4.46 -8.74 12.80
CA ARG A 378 3.46 -9.63 12.27
C ARG A 378 4.07 -10.95 11.75
N THR A 379 4.94 -10.88 10.75
CA THR A 379 5.52 -12.10 10.21
C THR A 379 6.11 -12.97 11.32
N ALA A 380 6.87 -12.33 12.21
CA ALA A 380 7.58 -13.07 13.24
C ALA A 380 6.61 -13.84 14.14
N VAL A 381 5.47 -13.23 14.43
CA VAL A 381 4.47 -13.91 15.22
C VAL A 381 3.90 -15.12 14.45
N TYR A 382 3.59 -14.95 13.16
CA TYR A 382 3.13 -16.10 12.36
C TYR A 382 4.20 -17.22 12.39
N HIS A 383 5.47 -16.87 12.23
CA HIS A 383 6.53 -17.86 12.32
C HIS A 383 6.54 -18.51 13.71
N GLU A 384 6.35 -17.70 14.76
CA GLU A 384 6.37 -18.24 16.13
C GLU A 384 5.26 -19.26 16.37
N ILE A 385 4.03 -18.94 15.94
CA ILE A 385 2.91 -19.88 16.02
C ILE A 385 3.19 -21.19 15.27
N LEU A 386 3.74 -21.07 14.05
CA LEU A 386 4.01 -22.26 13.27
C LEU A 386 5.14 -23.07 13.87
N ILE A 387 6.25 -22.41 14.22
CA ILE A 387 7.39 -23.13 14.79
C ILE A 387 6.94 -23.82 16.07
N GLY A 388 6.08 -23.14 16.84
CA GLY A 388 5.55 -23.70 18.07
C GLY A 388 4.70 -24.95 17.85
N TYR A 389 3.85 -24.91 16.84
CA TYR A 389 3.11 -26.12 16.44
C TYR A 389 4.07 -27.26 16.13
N LEU A 390 5.08 -27.02 15.29
CA LEU A 390 6.04 -28.07 14.98
C LEU A 390 6.68 -28.60 16.26
N GLU A 391 7.00 -27.70 17.19
CA GLU A 391 7.61 -28.09 18.46
C GLU A 391 6.70 -28.93 19.32
N TYR A 392 5.41 -28.60 19.34
CA TYR A 392 4.44 -29.39 20.09
C TYR A 392 4.36 -30.83 19.59
N VAL A 393 4.00 -30.98 18.31
CA VAL A 393 3.82 -32.31 17.76
C VAL A 393 5.11 -33.11 17.79
N LYS A 394 6.24 -32.42 17.68
CA LYS A 394 7.51 -33.10 17.85
C LYS A 394 7.60 -33.77 19.21
N LYS A 395 7.26 -33.03 20.27
CA LYS A 395 7.36 -33.58 21.62
C LYS A 395 6.43 -34.77 21.82
N LEU A 396 5.21 -34.68 21.33
CA LEU A 396 4.24 -35.77 21.46
C LEU A 396 4.68 -37.04 20.75
N GLY A 397 5.51 -36.88 19.72
CA GLY A 397 6.02 -38.01 18.95
C GLY A 397 5.83 -38.01 17.42
N TYR A 398 5.35 -36.92 16.84
CA TYR A 398 5.25 -36.88 15.39
C TYR A 398 6.65 -36.69 14.83
N THR A 399 6.99 -37.46 13.79
CA THR A 399 8.34 -37.44 13.24
C THR A 399 8.57 -36.43 12.11
N THR A 400 7.50 -35.98 11.48
CA THR A 400 7.63 -35.28 10.20
C THR A 400 6.45 -34.34 9.98
N GLY A 401 6.71 -33.18 9.35
CA GLY A 401 5.63 -32.28 8.96
C GLY A 401 5.65 -32.05 7.46
N HIS A 402 4.49 -31.82 6.87
CA HIS A 402 4.35 -31.62 5.41
C HIS A 402 3.55 -30.37 5.16
N ILE A 403 4.05 -29.50 4.28
CA ILE A 403 3.37 -28.25 3.92
C ILE A 403 3.33 -28.07 2.42
N TRP A 404 2.15 -27.78 1.90
CA TRP A 404 1.97 -27.50 0.47
C TRP A 404 1.90 -25.98 0.37
N ALA A 405 2.95 -25.35 -0.17
CA ALA A 405 3.05 -23.89 -0.17
C ALA A 405 2.50 -23.33 -1.48
N CYS A 406 1.23 -22.98 -1.44
CA CYS A 406 0.54 -22.54 -2.63
C CYS A 406 -0.45 -21.47 -2.25
N PRO A 407 -0.20 -20.24 -2.67
CA PRO A 407 -1.09 -19.12 -2.38
C PRO A 407 -2.43 -19.33 -3.05
N PRO A 408 -3.48 -18.72 -2.51
CA PRO A 408 -4.82 -18.77 -3.09
C PRO A 408 -4.90 -18.06 -4.43
N SER A 409 -5.73 -18.56 -5.33
CA SER A 409 -5.92 -17.90 -6.63
C SER A 409 -6.84 -16.68 -6.51
N GLU A 410 -6.68 -15.74 -7.45
CA GLU A 410 -7.43 -14.48 -7.48
C GLU A 410 -8.84 -14.54 -6.90
N GLY A 411 -9.04 -13.82 -5.80
CA GLY A 411 -10.32 -13.75 -5.12
C GLY A 411 -10.84 -15.01 -4.45
N ASP A 412 -9.95 -15.95 -4.18
CA ASP A 412 -10.31 -17.07 -3.34
C ASP A 412 -9.77 -16.74 -1.95
N ASP A 413 -10.43 -17.26 -0.91
CA ASP A 413 -9.97 -17.12 0.47
C ASP A 413 -9.86 -18.50 1.06
N TYR A 414 -8.79 -18.76 1.79
CA TYR A 414 -8.62 -20.05 2.43
C TYR A 414 -9.48 -20.22 3.68
N ILE A 415 -9.48 -19.23 4.57
CA ILE A 415 -10.21 -19.36 5.83
C ILE A 415 -11.08 -18.15 6.13
N PHE A 416 -10.54 -16.94 5.93
CA PHE A 416 -11.23 -15.70 6.24
C PHE A 416 -11.91 -15.06 5.03
N HIS A 417 -13.23 -15.00 5.04
CA HIS A 417 -13.96 -14.46 3.89
C HIS A 417 -13.69 -12.98 3.64
N CYS A 418 -13.27 -12.67 2.41
CA CYS A 418 -13.13 -11.28 1.96
C CYS A 418 -12.03 -10.51 2.73
N HIS A 419 -10.81 -10.63 2.22
CA HIS A 419 -9.63 -10.03 2.84
C HIS A 419 -9.60 -8.52 2.53
N PRO A 420 -8.70 -7.77 3.17
CA PRO A 420 -8.57 -6.36 2.84
C PRO A 420 -8.04 -6.17 1.44
N PRO A 421 -8.55 -5.17 0.72
CA PRO A 421 -8.09 -4.94 -0.65
C PRO A 421 -6.61 -4.65 -0.71
N ASP A 422 -6.04 -4.11 0.37
CA ASP A 422 -4.62 -3.75 0.35
C ASP A 422 -3.73 -4.75 1.10
N GLN A 423 -4.24 -5.93 1.44
CA GLN A 423 -3.37 -7.00 1.94
C GLN A 423 -2.89 -7.84 0.75
N LYS A 424 -1.72 -7.49 0.26
CA LYS A 424 -1.15 -8.17 -0.87
C LYS A 424 -1.06 -9.65 -0.59
N ILE A 425 -1.23 -10.46 -1.64
CA ILE A 425 -1.05 -11.92 -1.57
C ILE A 425 0.30 -12.28 -2.17
N PRO A 426 1.08 -13.11 -1.46
CA PRO A 426 2.40 -13.43 -2.04
C PRO A 426 2.32 -14.28 -3.30
N LYS A 427 3.26 -14.03 -4.22
CA LYS A 427 3.51 -14.92 -5.34
C LYS A 427 4.19 -16.16 -4.78
N PRO A 428 4.19 -17.26 -5.54
CA PRO A 428 4.88 -18.49 -5.15
C PRO A 428 6.28 -18.32 -4.56
N LYS A 429 7.20 -17.63 -5.24
CA LYS A 429 8.55 -17.47 -4.71
C LYS A 429 8.53 -16.87 -3.29
N ARG A 430 7.80 -15.77 -3.12
CA ARG A 430 7.77 -15.08 -1.84
C ARG A 430 7.24 -15.99 -0.75
N LEU A 431 6.21 -16.75 -1.07
CA LEU A 431 5.64 -17.69 -0.11
C LEU A 431 6.63 -18.80 0.23
N GLN A 432 7.29 -19.34 -0.79
CA GLN A 432 8.29 -20.36 -0.55
C GLN A 432 9.43 -19.86 0.32
N GLU A 433 9.89 -18.64 0.07
CA GLU A 433 10.94 -18.05 0.89
C GLU A 433 10.44 -17.73 2.29
N TRP A 434 9.15 -17.42 2.39
CA TRP A 434 8.56 -17.13 3.69
C TRP A 434 8.63 -18.40 4.55
N PHE A 435 8.28 -19.55 3.96
CA PHE A 435 8.40 -20.83 4.67
C PHE A 435 9.86 -21.24 4.94
N LYS A 436 10.76 -21.07 3.96
CA LYS A 436 12.19 -21.33 4.21
C LYS A 436 12.74 -20.51 5.38
N LYS A 437 12.28 -19.26 5.52
CA LYS A 437 12.71 -18.41 6.63
C LYS A 437 12.26 -18.96 8.00
N MET A 438 10.98 -19.27 8.13
CA MET A 438 10.40 -19.90 9.31
C MET A 438 11.08 -21.23 9.68
N LEU A 439 11.36 -22.05 8.67
CA LEU A 439 11.95 -23.35 8.95
C LEU A 439 13.42 -23.19 9.31
N ASP A 440 14.09 -22.21 8.72
CA ASP A 440 15.49 -21.97 9.08
C ASP A 440 15.60 -21.59 10.54
N LYS A 441 14.63 -20.79 11.02
CA LYS A 441 14.61 -20.38 12.40
C LYS A 441 14.47 -21.62 13.22
N ALA A 442 13.52 -22.45 12.83
CA ALA A 442 13.24 -23.65 13.59
C ALA A 442 14.45 -24.59 13.58
N VAL A 443 15.16 -24.65 12.46
CA VAL A 443 16.38 -25.45 12.40
C VAL A 443 17.41 -24.95 13.41
N SER A 444 17.57 -23.64 13.53
CA SER A 444 18.60 -23.14 14.43
C SER A 444 18.21 -23.23 15.92
N GLU A 445 16.92 -23.34 16.24
CA GLU A 445 16.52 -23.56 17.63
C GLU A 445 16.57 -25.04 17.98
N ARG A 446 17.12 -25.85 17.08
CA ARG A 446 17.20 -27.30 17.25
C ARG A 446 15.81 -27.96 17.31
N ILE A 447 14.81 -27.35 16.70
CA ILE A 447 13.47 -27.92 16.70
C ILE A 447 13.28 -28.79 15.48
N VAL A 448 13.37 -28.18 14.31
CA VAL A 448 13.40 -28.94 13.06
C VAL A 448 14.81 -29.45 12.77
N HIS A 449 14.94 -30.72 12.44
CA HIS A 449 16.25 -31.30 12.22
C HIS A 449 16.79 -30.90 10.86
N ASP A 450 15.90 -30.83 9.89
CA ASP A 450 16.21 -30.41 8.52
C ASP A 450 14.96 -30.50 7.66
N TYR A 451 15.03 -29.97 6.44
CA TYR A 451 13.88 -30.01 5.53
C TYR A 451 14.38 -30.03 4.11
N LYS A 452 13.52 -30.46 3.20
CA LYS A 452 13.89 -30.68 1.79
C LYS A 452 12.59 -30.65 1.00
N ASP A 453 12.68 -30.35 -0.29
CA ASP A 453 11.50 -30.41 -1.13
C ASP A 453 11.20 -31.88 -1.42
N ILE A 454 9.94 -32.17 -1.76
CA ILE A 454 9.47 -33.55 -1.85
C ILE A 454 10.38 -34.45 -2.71
N PHE A 455 10.96 -33.87 -3.75
CA PHE A 455 11.77 -34.59 -4.72
C PHE A 455 13.14 -34.97 -4.18
N LYS A 456 13.77 -34.05 -3.45
CA LYS A 456 15.08 -34.35 -2.90
C LYS A 456 14.89 -35.38 -1.82
N GLN A 457 13.74 -35.30 -1.14
CA GLN A 457 13.41 -36.22 -0.05
C GLN A 457 13.14 -37.63 -0.56
N ALA A 458 12.44 -37.71 -1.67
CA ALA A 458 12.07 -39.00 -2.19
C ALA A 458 13.34 -39.69 -2.64
N THR A 459 14.28 -38.90 -3.19
CA THR A 459 15.55 -39.47 -3.59
C THR A 459 16.28 -40.01 -2.38
N GLU A 460 16.34 -39.17 -1.35
CA GLU A 460 16.94 -39.53 -0.07
C GLU A 460 16.37 -40.85 0.48
N ASP A 461 15.05 -40.95 0.54
CA ASP A 461 14.38 -42.15 1.06
C ASP A 461 14.39 -43.33 0.06
N ARG A 462 14.94 -43.10 -1.11
CA ARG A 462 15.05 -44.09 -2.17
C ARG A 462 13.71 -44.67 -2.56
N LEU A 463 12.66 -43.85 -2.58
CA LEU A 463 11.37 -44.46 -2.85
C LEU A 463 11.21 -44.82 -4.32
N THR A 464 10.37 -45.80 -4.62
CA THR A 464 10.29 -46.33 -5.98
C THR A 464 8.83 -46.43 -6.46
N SER A 465 7.90 -46.20 -5.55
CA SER A 465 6.49 -46.38 -5.83
C SER A 465 5.58 -45.30 -5.22
N ALA A 466 4.50 -44.93 -5.94
CA ALA A 466 3.55 -43.95 -5.42
C ALA A 466 2.98 -44.33 -4.04
N LYS A 467 2.93 -45.63 -3.74
CA LYS A 467 2.33 -46.11 -2.50
C LYS A 467 3.13 -45.73 -1.25
N GLU A 468 4.35 -45.25 -1.46
CA GLU A 468 5.18 -44.85 -0.35
C GLU A 468 5.00 -43.40 -0.03
N LEU A 469 4.20 -42.67 -0.83
CA LEU A 469 3.99 -41.23 -0.58
C LEU A 469 2.84 -41.02 0.37
N PRO A 470 3.06 -40.19 1.41
CA PRO A 470 2.01 -39.83 2.36
C PRO A 470 0.79 -39.34 1.62
N TYR A 471 -0.37 -39.68 2.14
CA TYR A 471 -1.63 -39.60 1.43
C TYR A 471 -2.62 -38.87 2.32
N PHE A 472 -2.72 -37.55 2.11
CA PHE A 472 -3.47 -36.69 3.02
C PHE A 472 -4.75 -36.19 2.41
N GLU A 473 -5.79 -36.00 3.22
CA GLU A 473 -7.04 -35.45 2.73
C GLU A 473 -6.87 -34.09 2.05
N GLY A 474 -7.35 -33.97 0.83
CA GLY A 474 -7.38 -32.67 0.19
C GLY A 474 -6.05 -32.22 -0.37
N ASP A 475 -5.00 -33.01 -0.18
CA ASP A 475 -3.70 -32.66 -0.71
C ASP A 475 -3.63 -32.88 -2.22
N PHE A 476 -2.56 -32.39 -2.82
CA PHE A 476 -2.35 -32.43 -4.24
C PHE A 476 -2.03 -33.85 -4.73
N TRP A 477 -1.27 -34.61 -3.95
CA TRP A 477 -0.77 -35.89 -4.44
C TRP A 477 -1.80 -36.98 -4.77
N PRO A 478 -2.80 -37.22 -3.89
CA PRO A 478 -3.80 -38.21 -4.27
C PRO A 478 -4.46 -37.93 -5.63
N ASN A 479 -4.71 -36.67 -5.96
CA ASN A 479 -5.31 -36.38 -7.24
C ASN A 479 -4.39 -36.66 -8.43
N VAL A 480 -3.14 -36.22 -8.32
CA VAL A 480 -2.21 -36.38 -9.44
C VAL A 480 -1.93 -37.87 -9.62
N LEU A 481 -2.01 -38.64 -8.54
CA LEU A 481 -1.78 -40.07 -8.65
C LEU A 481 -2.88 -40.78 -9.40
N GLU A 482 -4.13 -40.31 -9.28
CA GLU A 482 -5.23 -40.85 -10.08
C GLU A 482 -4.96 -40.61 -11.57
N GLU A 483 -4.49 -39.40 -11.90
CA GLU A 483 -4.20 -39.05 -13.28
C GLU A 483 -3.03 -39.86 -13.80
N SER A 484 -1.95 -39.90 -13.03
CA SER A 484 -0.79 -40.77 -13.30
C SER A 484 -1.16 -42.22 -13.64
N ILE A 485 -1.95 -42.87 -12.77
CA ILE A 485 -2.28 -44.27 -13.00
C ILE A 485 -3.14 -44.44 -14.25
N LYS A 486 -4.11 -43.55 -14.43
CA LYS A 486 -4.93 -43.56 -15.62
C LYS A 486 -4.06 -43.36 -16.85
N GLU A 487 -3.44 -42.18 -16.93
CA GLU A 487 -2.64 -41.79 -18.09
C GLU A 487 -1.55 -42.79 -18.47
N SER A 488 -1.02 -43.52 -17.50
CA SER A 488 0.09 -44.42 -17.79
C SER A 488 -0.35 -45.85 -18.06
N GLY A 489 -1.63 -46.12 -17.88
CA GLY A 489 -2.16 -47.41 -18.28
C GLY A 489 -2.25 -48.41 -17.16
N GLY A 490 -1.96 -47.97 -15.94
CA GLY A 490 -2.06 -48.82 -14.78
C GLY A 490 -0.83 -48.87 -13.90
N SER A 491 0.19 -48.12 -14.26
CA SER A 491 1.42 -48.10 -13.47
C SER A 491 1.27 -47.17 -12.28
N GLY A 492 2.16 -47.27 -11.30
CA GLY A 492 2.17 -46.32 -10.21
C GLY A 492 3.54 -45.77 -9.91
N SER A 493 4.34 -45.58 -10.95
CA SER A 493 5.72 -45.19 -10.75
C SER A 493 6.28 -44.43 -11.94
N GLN A 494 5.68 -44.69 -13.10
CA GLN A 494 6.16 -44.21 -14.39
C GLN A 494 6.57 -42.73 -14.37
N LYS A 495 5.66 -41.84 -14.01
CA LYS A 495 6.02 -40.43 -14.04
C LYS A 495 6.20 -39.87 -12.63
N LEU A 496 6.48 -40.73 -11.65
CA LEU A 496 6.48 -40.25 -10.27
C LEU A 496 7.61 -39.24 -10.00
N TYR A 497 8.85 -39.65 -10.23
CA TYR A 497 9.97 -38.73 -10.05
C TYR A 497 9.89 -37.48 -10.91
N ALA A 498 9.39 -37.60 -12.14
CA ALA A 498 9.13 -36.41 -12.96
C ALA A 498 8.14 -35.43 -12.31
N THR A 499 7.01 -35.95 -11.83
CA THR A 499 5.99 -35.10 -11.22
C THR A 499 6.55 -34.47 -9.97
N MET A 500 7.33 -35.23 -9.22
CA MET A 500 7.95 -34.70 -8.01
C MET A 500 8.95 -33.56 -8.31
N GLU A 501 9.71 -33.69 -9.40
CA GLU A 501 10.63 -32.62 -9.83
C GLU A 501 9.87 -31.35 -10.16
N LYS A 502 8.99 -31.44 -11.16
CA LYS A 502 8.13 -30.35 -11.62
C LYS A 502 7.61 -29.44 -10.50
N HIS A 503 7.03 -30.03 -9.47
CA HIS A 503 6.40 -29.24 -8.43
C HIS A 503 7.22 -29.11 -7.14
N LYS A 504 8.50 -29.44 -7.21
CA LYS A 504 9.27 -29.71 -6.00
C LYS A 504 9.31 -28.58 -4.98
N GLU A 505 9.59 -27.36 -5.42
CA GLU A 505 9.82 -26.22 -4.53
C GLU A 505 8.56 -25.75 -3.77
N VAL A 506 7.47 -26.45 -4.03
CA VAL A 506 6.15 -26.13 -3.49
C VAL A 506 5.76 -27.11 -2.37
N PHE A 507 6.55 -28.18 -2.23
CA PHE A 507 6.23 -29.27 -1.32
C PHE A 507 7.29 -29.51 -0.29
N PHE A 508 7.05 -28.96 0.91
CA PHE A 508 8.01 -29.00 2.00
C PHE A 508 7.82 -30.27 2.82
N VAL A 509 8.92 -30.97 3.05
CA VAL A 509 8.93 -32.10 3.96
C VAL A 509 9.90 -31.80 5.08
N ILE A 510 9.39 -31.86 6.31
CA ILE A 510 10.08 -31.30 7.47
C ILE A 510 10.38 -32.38 8.51
N ARG A 511 11.66 -32.70 8.70
CA ARG A 511 12.06 -33.71 9.69
C ARG A 511 12.20 -33.17 11.11
N LEU A 512 11.25 -33.55 11.99
CA LEU A 512 11.29 -33.13 13.37
C LEU A 512 12.12 -34.09 14.21
N ILE A 513 12.02 -35.38 13.91
CA ILE A 513 12.81 -36.39 14.61
C ILE A 513 13.51 -37.29 13.60
N ALA A 514 14.82 -37.43 13.69
CA ALA A 514 15.53 -38.15 12.63
C ALA A 514 16.44 -39.28 13.10
N GLY A 515 16.84 -40.11 12.14
CA GLY A 515 17.75 -41.23 12.41
C GLY A 515 17.09 -42.29 13.27
N PRO A 516 17.91 -43.13 13.90
CA PRO A 516 17.49 -44.24 14.79
C PRO A 516 16.46 -43.80 15.85
N ALA A 517 16.58 -42.56 16.30
CA ALA A 517 15.67 -42.00 17.29
C ALA A 517 14.22 -42.10 16.81
N ALA A 518 14.05 -42.04 15.50
CA ALA A 518 12.72 -42.03 14.91
C ALA A 518 12.05 -43.40 14.89
N ASN A 519 12.73 -44.44 15.38
CA ASN A 519 12.23 -45.81 15.24
C ASN A 519 11.73 -46.48 16.53
N SER A 520 12.29 -46.09 17.67
CA SER A 520 11.93 -46.69 18.92
C SER A 520 11.18 -45.71 19.82
N LEU A 521 10.15 -45.09 19.26
CA LEU A 521 9.34 -44.10 19.98
C LEU A 521 8.07 -44.70 20.58
N PRO A 522 7.62 -44.17 21.73
CA PRO A 522 6.38 -44.67 22.34
C PRO A 522 5.13 -44.19 21.60
N PRO A 523 3.96 -44.73 21.97
CA PRO A 523 2.71 -44.29 21.34
C PRO A 523 2.47 -42.81 21.50
N ILE A 524 1.89 -42.20 20.48
CA ILE A 524 1.55 -40.80 20.48
C ILE A 524 0.23 -40.63 21.22
N VAL A 525 0.20 -39.84 22.29
CA VAL A 525 -1.06 -39.62 22.99
C VAL A 525 -1.40 -38.14 23.10
N ASP A 526 -2.53 -37.74 22.55
CA ASP A 526 -2.97 -36.35 22.62
C ASP A 526 -3.58 -36.10 23.99
N PRO A 527 -2.91 -35.28 24.82
CA PRO A 527 -3.47 -35.01 26.14
C PRO A 527 -4.74 -34.17 26.01
N ASP A 528 -4.94 -33.52 24.87
CA ASP A 528 -6.15 -32.73 24.71
C ASP A 528 -7.34 -33.62 24.36
N PRO A 529 -8.54 -33.24 24.80
CA PRO A 529 -9.72 -34.06 24.48
C PRO A 529 -10.31 -33.59 23.17
N LEU A 530 -11.25 -34.37 22.63
CA LEU A 530 -11.94 -33.98 21.43
C LEU A 530 -12.78 -32.75 21.68
N ILE A 531 -13.01 -32.00 20.61
CA ILE A 531 -13.76 -30.75 20.64
C ILE A 531 -14.60 -30.70 19.38
N PRO A 532 -15.83 -31.20 19.46
CA PRO A 532 -16.77 -31.14 18.33
C PRO A 532 -17.18 -29.70 18.09
N CYS A 533 -17.31 -29.33 16.83
CA CYS A 533 -17.65 -27.97 16.48
C CYS A 533 -17.78 -27.94 15.00
N ASP A 534 -19.01 -28.18 14.53
CA ASP A 534 -19.29 -28.31 13.13
C ASP A 534 -18.82 -27.11 12.36
N LEU A 535 -18.97 -25.93 12.94
CA LEU A 535 -18.59 -24.70 12.26
C LEU A 535 -17.13 -24.67 11.77
N MET A 536 -16.23 -25.38 12.47
CA MET A 536 -14.82 -25.40 12.11
C MET A 536 -14.31 -26.81 11.76
N ASP A 537 -15.23 -27.71 11.46
CA ASP A 537 -14.84 -28.99 10.89
C ASP A 537 -14.55 -28.69 9.44
N GLY A 538 -13.28 -28.64 9.07
CA GLY A 538 -12.92 -28.15 7.76
C GLY A 538 -13.13 -26.64 7.66
N ARG A 539 -12.84 -26.08 6.48
CA ARG A 539 -12.85 -24.64 6.34
C ARG A 539 -14.09 -24.12 5.67
N ASP A 540 -14.88 -24.98 5.06
CA ASP A 540 -15.98 -24.48 4.25
C ASP A 540 -17.12 -23.90 5.08
N ALA A 541 -17.31 -24.39 6.29
CA ALA A 541 -18.43 -23.90 7.06
C ALA A 541 -18.24 -22.45 7.51
N PHE A 542 -17.02 -22.08 7.93
CA PHE A 542 -16.80 -20.70 8.40
C PHE A 542 -16.93 -19.73 7.23
N LEU A 543 -16.36 -20.09 6.08
CA LEU A 543 -16.58 -19.31 4.87
C LEU A 543 -18.07 -19.16 4.57
N THR A 544 -18.84 -20.24 4.71
CA THR A 544 -20.27 -20.16 4.42
C THR A 544 -20.97 -19.27 5.45
N LEU A 545 -20.61 -19.42 6.72
CA LEU A 545 -21.21 -18.60 7.75
C LEU A 545 -20.96 -17.14 7.43
N ALA A 546 -19.72 -16.80 7.07
CA ALA A 546 -19.39 -15.42 6.71
C ALA A 546 -20.14 -14.97 5.48
N ARG A 547 -20.11 -15.77 4.41
CA ARG A 547 -20.89 -15.39 3.23
C ARG A 547 -22.34 -15.17 3.61
N ASP A 548 -22.85 -16.00 4.52
CA ASP A 548 -24.28 -15.99 4.84
C ASP A 548 -24.69 -14.77 5.66
N LYS A 549 -23.82 -14.32 6.56
CA LYS A 549 -24.16 -13.27 7.52
C LYS A 549 -23.49 -11.93 7.22
N HIS A 550 -22.99 -11.79 5.99
CA HIS A 550 -22.25 -10.61 5.55
C HIS A 550 -21.00 -10.28 6.38
N LEU A 551 -20.39 -11.27 7.01
CA LEU A 551 -19.13 -11.03 7.70
C LEU A 551 -18.02 -10.79 6.68
N GLU A 552 -17.12 -9.86 7.00
CA GLU A 552 -15.97 -9.54 6.16
C GLU A 552 -14.74 -9.34 7.01
N PHE A 553 -13.57 -9.57 6.45
CA PHE A 553 -12.34 -9.29 7.18
C PHE A 553 -11.53 -8.27 6.41
N SER A 554 -12.21 -7.24 5.91
CA SER A 554 -11.70 -6.41 4.82
C SER A 554 -11.19 -5.06 5.30
N SER A 555 -11.54 -4.75 6.54
CA SER A 555 -11.15 -3.52 7.21
C SER A 555 -11.12 -3.87 8.68
N LEU A 556 -10.35 -3.12 9.48
CA LEU A 556 -10.27 -3.41 10.90
C LEU A 556 -11.63 -3.47 11.57
N ARG A 557 -12.53 -2.54 11.24
CA ARG A 557 -13.83 -2.52 11.90
C ARG A 557 -14.68 -3.73 11.54
N ARG A 558 -14.54 -4.19 10.31
CA ARG A 558 -15.32 -5.33 9.89
C ARG A 558 -14.74 -6.62 10.48
N ALA A 559 -13.41 -6.72 10.46
CA ALA A 559 -12.72 -7.82 11.10
C ALA A 559 -13.12 -7.89 12.58
N GLN A 560 -13.26 -6.74 13.22
CA GLN A 560 -13.63 -6.72 14.63
C GLN A 560 -15.03 -7.32 14.81
N TRP A 561 -15.94 -6.93 13.94
CA TRP A 561 -17.32 -7.36 14.04
C TRP A 561 -17.45 -8.80 13.68
N SER A 562 -16.84 -9.18 12.56
CA SER A 562 -16.72 -10.58 12.17
C SER A 562 -16.20 -11.46 13.31
N THR A 563 -15.03 -11.10 13.87
CA THR A 563 -14.53 -11.70 15.10
C THR A 563 -15.59 -11.81 16.21
N MET A 564 -16.24 -10.69 16.52
CA MET A 564 -17.34 -10.71 17.49
C MET A 564 -18.44 -11.74 17.14
N CYS A 565 -18.82 -11.82 15.87
CA CYS A 565 -19.79 -12.83 15.47
C CYS A 565 -19.26 -14.29 15.52
N MET A 566 -18.07 -14.51 14.95
CA MET A 566 -17.35 -15.77 15.05
C MET A 566 -17.39 -16.31 16.50
N LEU A 567 -17.01 -15.46 17.45
CA LEU A 567 -17.02 -15.87 18.84
C LEU A 567 -18.42 -16.24 19.36
N VAL A 568 -19.42 -15.41 19.03
CA VAL A 568 -20.75 -15.70 19.50
C VAL A 568 -21.19 -17.06 18.96
N GLU A 569 -20.74 -17.37 17.75
CA GLU A 569 -21.06 -18.67 17.16
C GLU A 569 -20.34 -19.80 17.88
N LEU A 570 -19.06 -19.59 18.22
CA LEU A 570 -18.28 -20.65 18.83
C LEU A 570 -18.82 -20.95 20.23
N HIS A 571 -19.27 -19.90 20.92
CA HIS A 571 -19.79 -20.04 22.27
C HIS A 571 -21.23 -20.58 22.36
N THR A 572 -22.08 -20.22 21.40
CA THR A 572 -23.49 -20.60 21.49
C THR A 572 -23.78 -21.88 20.72
N GLN A 573 -22.74 -22.48 20.17
CA GLN A 573 -22.91 -23.70 19.42
C GLN A 573 -22.92 -24.88 20.36
N SER A 574 -21.97 -24.84 21.31
CA SER A 574 -21.81 -25.86 22.34
C SER A 574 -22.97 -25.89 23.34
N GLN A 575 -23.26 -24.73 23.94
CA GLN A 575 -24.40 -24.60 24.86
C GLN A 575 -25.72 -24.66 24.07
N ASP A 576 -26.66 -25.47 24.57
CA ASP A 576 -27.91 -25.72 23.85
C ASP A 576 -29.13 -25.72 24.76
N LYS B 14 37.37 -10.71 -20.84
CA LYS B 14 36.18 -10.58 -21.67
C LYS B 14 35.40 -11.89 -21.71
N LYS B 15 34.10 -11.83 -21.43
CA LYS B 15 33.26 -13.04 -21.44
C LYS B 15 32.23 -13.11 -22.59
N ILE B 16 32.64 -13.77 -23.67
CA ILE B 16 31.70 -14.23 -24.68
C ILE B 16 30.92 -15.37 -24.04
N PHE B 17 29.61 -15.39 -24.24
CA PHE B 17 28.80 -16.48 -23.72
C PHE B 17 28.75 -17.64 -24.69
N LYS B 18 29.00 -18.83 -24.18
CA LYS B 18 28.78 -20.04 -24.97
C LYS B 18 27.28 -20.14 -25.21
N PRO B 19 26.86 -20.32 -26.48
CA PRO B 19 25.45 -20.53 -26.80
C PRO B 19 24.75 -21.61 -25.95
N GLU B 20 25.51 -22.59 -25.47
CA GLU B 20 24.99 -23.62 -24.55
C GLU B 20 24.71 -23.05 -23.16
N GLU B 21 25.55 -22.12 -22.70
CA GLU B 21 25.35 -21.46 -21.41
C GLU B 21 23.99 -20.75 -21.41
N LEU B 22 23.66 -20.16 -22.55
CA LEU B 22 22.44 -19.37 -22.69
C LEU B 22 21.17 -20.19 -22.86
N ARG B 23 21.30 -21.41 -23.39
CA ARG B 23 20.14 -22.28 -23.49
C ARG B 23 19.75 -22.87 -22.13
N GLN B 24 20.71 -23.48 -21.44
CA GLN B 24 20.42 -24.18 -20.18
C GLN B 24 20.11 -23.22 -19.03
N ALA B 25 20.19 -21.92 -19.29
CA ALA B 25 19.83 -20.89 -18.32
C ALA B 25 18.51 -20.19 -18.69
N LEU B 26 18.37 -19.85 -19.97
CA LEU B 26 17.22 -19.08 -20.46
C LEU B 26 15.97 -19.85 -20.92
N MET B 27 16.13 -21.10 -21.33
CA MET B 27 14.96 -21.87 -21.78
C MET B 27 13.89 -22.08 -20.68
N PRO B 28 14.31 -22.45 -19.44
CA PRO B 28 13.35 -22.49 -18.33
C PRO B 28 12.37 -21.33 -18.28
N THR B 29 12.84 -20.11 -18.59
CA THR B 29 11.95 -18.94 -18.62
C THR B 29 11.10 -18.88 -19.89
N LEU B 30 11.62 -19.37 -21.01
CA LEU B 30 10.80 -19.42 -22.21
C LEU B 30 9.76 -20.52 -22.12
N GLU B 31 10.14 -21.66 -21.52
CA GLU B 31 9.19 -22.75 -21.33
C GLU B 31 8.07 -22.36 -20.37
N ALA B 32 8.40 -21.51 -19.40
CA ALA B 32 7.43 -21.02 -18.42
C ALA B 32 6.32 -20.21 -19.08
N LEU B 33 6.65 -19.51 -20.15
CA LEU B 33 5.66 -18.74 -20.89
C LEU B 33 4.82 -19.69 -21.72
N TYR B 34 5.49 -20.69 -22.29
CA TYR B 34 4.83 -21.71 -23.08
C TYR B 34 3.85 -22.52 -22.24
N ARG B 35 4.25 -22.84 -21.00
CA ARG B 35 3.45 -23.65 -20.07
C ARG B 35 2.05 -23.09 -19.81
N GLN B 36 1.87 -21.79 -20.03
CA GLN B 36 0.62 -21.12 -19.72
C GLN B 36 -0.50 -21.40 -20.73
N ASP B 37 -1.27 -22.46 -20.48
CA ASP B 37 -2.51 -22.71 -21.21
C ASP B 37 -3.62 -21.93 -20.49
N PRO B 38 -4.41 -21.12 -21.22
CA PRO B 38 -4.41 -20.86 -22.66
C PRO B 38 -3.86 -19.47 -22.97
N GLU B 39 -2.95 -18.97 -22.14
CA GLU B 39 -2.55 -17.57 -22.20
C GLU B 39 -1.39 -17.28 -23.16
N SER B 40 -0.80 -18.32 -23.74
CA SER B 40 0.31 -18.11 -24.67
C SER B 40 -0.06 -18.49 -26.09
N LEU B 41 -1.28 -18.98 -26.29
CA LEU B 41 -1.78 -19.36 -27.61
C LEU B 41 -1.63 -18.29 -28.70
N PRO B 42 -1.94 -17.01 -28.41
CA PRO B 42 -1.78 -16.02 -29.48
C PRO B 42 -0.32 -15.56 -29.68
N PHE B 43 0.58 -16.04 -28.82
CA PHE B 43 1.99 -15.66 -28.88
C PHE B 43 2.91 -16.81 -29.26
N ARG B 44 2.34 -17.96 -29.58
CA ARG B 44 3.14 -19.15 -29.90
C ARG B 44 3.68 -19.09 -31.31
N GLN B 45 2.90 -18.48 -32.20
CA GLN B 45 3.23 -18.41 -33.62
C GLN B 45 3.39 -16.96 -34.07
N PRO B 46 4.17 -16.74 -35.14
CA PRO B 46 4.25 -15.40 -35.76
C PRO B 46 2.86 -14.92 -36.13
N VAL B 47 2.56 -13.65 -35.89
CA VAL B 47 1.24 -13.13 -36.19
C VAL B 47 1.02 -12.97 -37.70
N ASP B 48 0.32 -13.94 -38.28
CA ASP B 48 -0.11 -13.94 -39.68
C ASP B 48 -1.45 -13.21 -39.76
N PRO B 49 -1.42 -11.91 -40.12
CA PRO B 49 -2.62 -11.04 -40.05
C PRO B 49 -3.77 -11.55 -40.92
N GLN B 50 -3.44 -12.31 -41.95
CA GLN B 50 -4.43 -12.87 -42.86
C GLN B 50 -5.35 -13.85 -42.14
N LEU B 51 -4.77 -14.83 -41.45
CA LEU B 51 -5.54 -15.89 -40.81
C LEU B 51 -6.51 -15.36 -39.75
N LEU B 52 -6.23 -14.18 -39.21
CA LEU B 52 -7.10 -13.57 -38.20
C LEU B 52 -8.23 -12.76 -38.82
N GLY B 53 -7.87 -11.68 -39.51
CA GLY B 53 -8.86 -10.79 -40.09
C GLY B 53 -8.59 -9.36 -39.66
N ILE B 54 -7.31 -9.05 -39.52
CA ILE B 54 -6.88 -7.71 -39.12
C ILE B 54 -5.78 -7.23 -40.08
N PRO B 55 -6.12 -6.26 -40.95
CA PRO B 55 -5.26 -5.83 -42.05
C PRO B 55 -4.03 -5.00 -41.65
N ASP B 56 -4.18 -4.09 -40.71
CA ASP B 56 -3.18 -3.05 -40.44
C ASP B 56 -2.02 -3.43 -39.51
N TYR B 57 -1.81 -4.74 -39.31
CA TYR B 57 -0.80 -5.21 -38.36
C TYR B 57 0.63 -4.80 -38.75
N PHE B 58 1.04 -5.15 -39.96
CA PHE B 58 2.41 -4.93 -40.42
C PHE B 58 2.78 -3.47 -40.70
N ASP B 59 1.96 -2.55 -40.22
CA ASP B 59 2.25 -1.12 -40.33
C ASP B 59 2.38 -0.49 -38.95
N ILE B 60 1.59 -0.97 -38.00
CA ILE B 60 1.63 -0.51 -36.61
C ILE B 60 2.76 -1.21 -35.85
N VAL B 61 2.85 -2.53 -36.03
CA VAL B 61 3.95 -3.31 -35.50
C VAL B 61 5.07 -3.35 -36.53
N LYS B 62 6.03 -2.43 -36.39
CA LYS B 62 7.11 -2.30 -37.37
C LYS B 62 8.05 -3.52 -37.40
N SER B 63 7.92 -4.37 -36.38
CA SER B 63 8.64 -5.64 -36.34
C SER B 63 7.92 -6.62 -35.40
N PRO B 64 7.44 -7.73 -35.95
CA PRO B 64 6.71 -8.72 -35.15
C PRO B 64 7.65 -9.64 -34.40
N MET B 65 7.17 -10.19 -33.28
CA MET B 65 7.98 -11.12 -32.51
C MET B 65 7.08 -12.08 -31.74
N ASP B 66 7.58 -13.29 -31.52
CA ASP B 66 6.78 -14.36 -30.94
C ASP B 66 7.68 -15.41 -30.32
N LEU B 67 7.06 -16.36 -29.62
CA LEU B 67 7.79 -17.38 -28.87
C LEU B 67 8.52 -18.41 -29.75
N SER B 68 8.02 -18.65 -30.97
CA SER B 68 8.69 -19.59 -31.86
C SER B 68 10.04 -19.04 -32.32
N THR B 69 10.05 -17.76 -32.71
CA THR B 69 11.26 -17.10 -33.17
C THR B 69 12.30 -17.01 -32.05
N ILE B 70 11.85 -16.65 -30.86
CA ILE B 70 12.74 -16.58 -29.71
C ILE B 70 13.31 -17.96 -29.35
N LYS B 71 12.54 -19.02 -29.62
CA LYS B 71 13.04 -20.38 -29.40
C LYS B 71 14.09 -20.73 -30.45
N ARG B 72 13.84 -20.31 -31.68
CA ARG B 72 14.77 -20.54 -32.78
C ARG B 72 16.15 -20.00 -32.45
N LYS B 73 16.21 -18.73 -32.06
CA LYS B 73 17.48 -18.04 -31.80
C LYS B 73 18.24 -18.70 -30.64
N LEU B 74 17.53 -19.00 -29.56
CA LEU B 74 18.14 -19.56 -28.35
C LEU B 74 18.72 -20.97 -28.58
N ASP B 75 18.29 -21.64 -29.65
CA ASP B 75 18.79 -22.97 -30.00
C ASP B 75 19.91 -22.92 -31.03
N THR B 76 19.87 -21.89 -31.88
CA THR B 76 20.89 -21.71 -32.92
C THR B 76 21.99 -20.73 -32.52
N GLY B 77 21.92 -20.23 -31.30
CA GLY B 77 22.95 -19.35 -30.77
C GLY B 77 23.17 -18.11 -31.62
N GLN B 78 22.11 -17.32 -31.76
CA GLN B 78 22.20 -16.02 -32.44
C GLN B 78 22.17 -14.93 -31.37
N TYR B 79 21.82 -15.32 -30.14
CA TYR B 79 21.84 -14.39 -29.03
C TYR B 79 23.27 -14.25 -28.51
N GLN B 80 23.80 -13.02 -28.57
CA GLN B 80 25.16 -12.76 -28.11
C GLN B 80 25.21 -12.64 -26.58
N GLU B 81 24.29 -11.85 -26.04
CA GLU B 81 24.24 -11.59 -24.60
C GLU B 81 22.79 -11.55 -24.08
N PRO B 82 22.57 -11.98 -22.82
CA PRO B 82 21.24 -12.24 -22.27
C PRO B 82 20.22 -11.13 -22.45
N TRP B 83 20.67 -9.89 -22.60
CA TRP B 83 19.75 -8.76 -22.70
C TRP B 83 19.01 -8.71 -24.04
N GLN B 84 19.58 -9.32 -25.07
CA GLN B 84 18.90 -9.40 -26.36
C GLN B 84 17.64 -10.24 -26.21
N TYR B 85 17.78 -11.36 -25.49
CA TYR B 85 16.66 -12.25 -25.15
C TYR B 85 15.56 -11.52 -24.38
N VAL B 86 15.97 -10.71 -23.39
CA VAL B 86 15.04 -9.89 -22.62
C VAL B 86 14.34 -8.84 -23.50
N ASP B 87 15.07 -8.25 -24.43
CA ASP B 87 14.43 -7.27 -25.33
C ASP B 87 13.37 -7.91 -26.21
N ASP B 88 13.71 -9.02 -26.86
CA ASP B 88 12.77 -9.74 -27.71
C ASP B 88 11.52 -10.16 -26.95
N ILE B 89 11.70 -10.59 -25.69
CA ILE B 89 10.56 -10.96 -24.86
C ILE B 89 9.67 -9.74 -24.65
N TRP B 90 10.28 -8.60 -24.37
CA TRP B 90 9.54 -7.35 -24.20
C TRP B 90 9.15 -6.71 -25.53
N LEU B 91 9.85 -7.07 -26.60
CA LEU B 91 9.45 -6.66 -27.94
C LEU B 91 8.04 -7.18 -28.15
N MET B 92 7.93 -8.50 -28.07
CA MET B 92 6.66 -9.23 -28.21
C MET B 92 5.52 -8.71 -27.33
N PHE B 93 5.80 -8.42 -26.06
CA PHE B 93 4.74 -7.98 -25.13
C PHE B 93 4.10 -6.67 -25.56
N ASN B 94 4.94 -5.67 -25.86
CA ASN B 94 4.48 -4.33 -26.22
C ASN B 94 3.72 -4.31 -27.54
N ASN B 95 4.21 -5.08 -28.51
CA ASN B 95 3.55 -5.21 -29.80
C ASN B 95 2.08 -5.57 -29.59
N ALA B 96 1.86 -6.60 -28.80
CA ALA B 96 0.51 -7.06 -28.49
C ALA B 96 -0.24 -6.06 -27.58
N TRP B 97 0.49 -5.41 -26.68
CA TRP B 97 -0.09 -4.40 -25.78
C TRP B 97 -0.54 -3.13 -26.50
N LEU B 98 0.02 -2.88 -27.68
CA LEU B 98 -0.30 -1.67 -28.44
C LEU B 98 -1.53 -1.87 -29.33
N TYR B 99 -1.55 -3.01 -30.03
CA TYR B 99 -2.57 -3.28 -31.06
C TYR B 99 -3.98 -3.47 -30.49
N ASN B 100 -4.06 -4.03 -29.29
CA ASN B 100 -5.32 -4.15 -28.58
C ASN B 100 -5.37 -3.09 -27.50
N ARG B 101 -6.56 -2.75 -27.02
CA ARG B 101 -6.64 -1.97 -25.80
C ARG B 101 -6.98 -2.93 -24.66
N LYS B 102 -6.77 -2.48 -23.42
CA LYS B 102 -6.88 -3.35 -22.25
C LYS B 102 -8.25 -4.00 -22.06
N THR B 103 -9.17 -3.69 -22.95
CA THR B 103 -10.51 -4.24 -22.93
C THR B 103 -10.54 -5.72 -23.35
N SER B 104 -9.70 -6.06 -24.32
CA SER B 104 -9.78 -7.35 -25.02
C SER B 104 -9.33 -8.57 -24.23
N ARG B 105 -9.12 -9.66 -24.96
CA ARG B 105 -8.65 -10.92 -24.42
C ARG B 105 -7.15 -11.03 -24.65
N VAL B 106 -6.71 -10.64 -25.83
CA VAL B 106 -5.30 -10.69 -26.20
C VAL B 106 -4.41 -9.89 -25.23
N TYR B 107 -4.87 -8.70 -24.85
CA TYR B 107 -4.13 -7.81 -23.96
C TYR B 107 -3.99 -8.41 -22.56
N LYS B 108 -5.10 -8.92 -22.03
CA LYS B 108 -5.09 -9.54 -20.71
C LYS B 108 -4.09 -10.70 -20.66
N TYR B 109 -4.12 -11.56 -21.69
CA TYR B 109 -3.20 -12.69 -21.80
C TYR B 109 -1.74 -12.27 -21.76
N CYS B 110 -1.41 -11.22 -22.50
CA CYS B 110 -0.03 -10.73 -22.56
C CYS B 110 0.42 -10.25 -21.19
N SER B 111 -0.54 -9.74 -20.42
CA SER B 111 -0.27 -9.21 -19.09
C SER B 111 0.06 -10.32 -18.08
N LYS B 112 -0.64 -11.43 -18.16
CA LYS B 112 -0.33 -12.60 -17.33
C LYS B 112 1.05 -13.11 -17.73
N LEU B 113 1.30 -13.18 -19.03
CA LEU B 113 2.59 -13.64 -19.54
C LEU B 113 3.74 -12.83 -18.97
N SER B 114 3.59 -11.52 -19.00
CA SER B 114 4.64 -10.62 -18.54
C SER B 114 4.90 -10.80 -17.06
N GLU B 115 3.84 -11.00 -16.28
CA GLU B 115 4.01 -11.17 -14.84
C GLU B 115 4.78 -12.46 -14.55
N VAL B 116 4.53 -13.49 -15.34
CA VAL B 116 5.23 -14.76 -15.18
C VAL B 116 6.70 -14.56 -15.45
N PHE B 117 7.00 -13.79 -16.50
CA PHE B 117 8.38 -13.54 -16.89
C PHE B 117 9.11 -12.69 -15.86
N GLU B 118 8.42 -11.69 -15.32
CA GLU B 118 8.96 -10.87 -14.25
C GLU B 118 9.38 -11.76 -13.07
N GLN B 119 8.57 -12.79 -12.80
CA GLN B 119 8.81 -13.70 -11.68
C GLN B 119 9.95 -14.68 -11.95
N GLU B 120 10.17 -15.03 -13.22
CA GLU B 120 11.17 -16.03 -13.57
C GLU B 120 12.58 -15.47 -13.87
N ILE B 121 12.64 -14.32 -14.52
CA ILE B 121 13.89 -13.86 -15.14
C ILE B 121 14.96 -13.39 -14.15
N ASP B 122 14.54 -12.82 -13.02
CA ASP B 122 15.47 -12.20 -12.08
C ASP B 122 16.50 -13.16 -11.45
N PRO B 123 16.05 -14.33 -10.94
CA PRO B 123 17.01 -15.34 -10.48
C PRO B 123 17.94 -15.83 -11.59
N VAL B 124 17.37 -16.06 -12.76
CA VAL B 124 18.12 -16.54 -13.93
C VAL B 124 19.24 -15.59 -14.36
N MET B 125 18.98 -14.28 -14.28
CA MET B 125 19.97 -13.28 -14.68
C MET B 125 21.07 -13.10 -13.64
N GLN B 126 20.72 -13.18 -12.37
CA GLN B 126 21.69 -13.11 -11.29
C GLN B 126 22.58 -14.36 -11.28
N SER B 127 22.08 -15.46 -11.86
CA SER B 127 22.87 -16.67 -12.02
C SER B 127 23.86 -16.47 -13.15
N LEU B 128 23.47 -15.65 -14.11
CA LEU B 128 24.35 -15.29 -15.23
C LEU B 128 25.20 -14.08 -14.88
N GLY B 129 25.25 -13.71 -13.61
CA GLY B 129 26.15 -12.66 -13.12
C GLY B 129 25.70 -11.21 -13.28
N TYR B 130 24.43 -11.02 -13.63
CA TYR B 130 23.86 -9.68 -13.82
C TYR B 130 23.13 -9.18 -12.58
N CYS B 131 22.96 -7.85 -12.49
CA CYS B 131 22.30 -7.23 -11.35
C CYS B 131 20.85 -7.69 -11.18
N CYS B 132 20.15 -7.78 -12.31
CA CYS B 132 18.75 -8.15 -12.33
C CYS B 132 18.36 -8.44 -13.76
N GLY B 133 17.09 -8.74 -14.00
CA GLY B 133 16.61 -9.00 -15.35
C GLY B 133 15.43 -8.13 -15.73
N ARG B 134 15.23 -7.05 -15.00
CA ARG B 134 14.15 -6.10 -15.29
C ARG B 134 14.47 -5.20 -16.50
N LYS B 135 13.46 -4.96 -17.35
CA LYS B 135 13.55 -3.95 -18.41
C LYS B 135 13.08 -2.63 -17.82
N LEU B 136 13.99 -1.66 -17.70
CA LEU B 136 13.63 -0.46 -16.94
C LEU B 136 13.59 0.81 -17.76
N GLU B 137 12.60 1.65 -17.45
CA GLU B 137 12.52 2.99 -18.03
C GLU B 137 11.96 4.01 -17.05
N PHE B 138 12.22 5.29 -17.33
CA PHE B 138 11.65 6.33 -16.50
C PHE B 138 10.35 6.80 -17.16
N SER B 139 9.24 6.71 -16.43
CA SER B 139 7.96 7.18 -16.96
C SER B 139 7.99 8.68 -17.02
N PRO B 140 7.39 9.26 -18.07
CA PRO B 140 7.43 10.71 -18.23
C PRO B 140 6.89 11.46 -17.02
N GLN B 141 7.43 12.64 -16.76
CA GLN B 141 6.90 13.48 -15.71
C GLN B 141 5.90 14.42 -16.37
N THR B 142 4.95 14.93 -15.59
CA THR B 142 4.01 15.94 -16.07
C THR B 142 4.76 17.23 -16.40
N LEU B 143 4.19 18.05 -17.28
CA LEU B 143 4.83 19.31 -17.68
C LEU B 143 3.96 20.53 -17.41
N CYS B 144 4.59 21.68 -17.25
CA CYS B 144 3.85 22.92 -17.04
C CYS B 144 3.19 23.42 -18.33
N CYS B 145 1.87 23.59 -18.30
CA CYS B 145 1.11 24.28 -19.34
C CYS B 145 1.40 25.77 -19.21
N TYR B 146 1.50 26.45 -20.35
CA TYR B 146 1.96 27.83 -20.37
C TYR B 146 0.80 28.82 -20.25
N GLY B 147 -0.38 28.42 -20.73
CA GLY B 147 -1.57 29.26 -20.70
C GLY B 147 -2.04 29.73 -19.32
N LYS B 148 -2.67 28.84 -18.56
CA LYS B 148 -3.27 29.19 -17.27
C LYS B 148 -2.26 29.49 -16.17
N GLN B 149 -1.02 29.03 -16.36
CA GLN B 149 0.05 29.15 -15.36
C GLN B 149 -0.18 28.26 -14.13
N LEU B 150 -1.24 27.45 -14.20
CA LEU B 150 -1.50 26.37 -13.24
C LEU B 150 -1.92 25.10 -13.99
N CYS B 151 -2.32 25.30 -15.25
CA CYS B 151 -2.59 24.23 -16.22
C CYS B 151 -1.44 23.22 -16.20
N THR B 152 -1.76 21.94 -16.42
CA THR B 152 -0.74 20.89 -16.46
C THR B 152 -0.98 19.86 -17.55
N ILE B 153 0.11 19.27 -18.02
CA ILE B 153 0.04 18.26 -19.05
C ILE B 153 0.39 16.92 -18.44
N PRO B 154 -0.62 16.07 -18.25
CA PRO B 154 -0.41 14.72 -17.72
C PRO B 154 0.37 13.85 -18.71
N ARG B 155 0.90 12.74 -18.23
CA ARG B 155 1.42 11.70 -19.11
C ARG B 155 0.34 11.33 -20.15
N ASP B 156 0.77 11.02 -21.37
CA ASP B 156 -0.12 10.55 -22.45
C ASP B 156 -1.13 11.58 -23.01
N ALA B 157 -1.12 12.80 -22.48
CA ALA B 157 -2.00 13.86 -22.98
C ALA B 157 -1.43 14.52 -24.24
N THR B 158 -2.31 14.90 -25.18
CA THR B 158 -1.83 15.56 -26.40
C THR B 158 -1.47 17.02 -26.14
N TYR B 159 -0.37 17.48 -26.72
CA TYR B 159 0.08 18.86 -26.49
C TYR B 159 0.85 19.50 -27.65
N TYR B 160 1.09 20.79 -27.50
CA TYR B 160 1.76 21.59 -28.53
C TYR B 160 3.01 22.25 -27.97
N SER B 161 4.05 22.39 -28.79
CA SER B 161 5.31 22.98 -28.32
C SER B 161 6.09 23.77 -29.39
N TYR B 162 6.78 24.82 -28.95
CA TYR B 162 7.75 25.58 -29.76
C TYR B 162 9.11 25.38 -29.11
N GLN B 163 10.14 25.12 -29.93
CA GLN B 163 11.44 24.68 -29.44
C GLN B 163 11.15 23.55 -28.46
N ASN B 164 11.93 23.38 -27.41
CA ASN B 164 11.50 22.37 -26.45
C ASN B 164 11.18 23.03 -25.12
N ARG B 165 10.86 24.33 -25.21
CA ARG B 165 10.70 25.18 -24.04
C ARG B 165 9.23 25.46 -23.70
N TYR B 166 8.47 25.97 -24.67
CA TYR B 166 7.08 26.40 -24.44
C TYR B 166 6.08 25.34 -24.87
N HIS B 167 5.37 24.76 -23.91
CA HIS B 167 4.33 23.76 -24.21
C HIS B 167 2.91 24.20 -23.85
N PHE B 168 1.92 23.74 -24.63
CA PHE B 168 0.52 24.07 -24.40
C PHE B 168 -0.39 22.83 -24.37
N CYS B 169 -1.27 22.76 -23.37
CA CYS B 169 -2.29 21.71 -23.29
C CYS B 169 -3.22 21.81 -24.50
N GLU B 170 -3.83 20.70 -24.89
CA GLU B 170 -4.71 20.66 -26.06
C GLU B 170 -5.77 21.77 -26.05
N LYS B 171 -6.46 21.91 -24.93
CA LYS B 171 -7.55 22.89 -24.83
C LYS B 171 -7.05 24.33 -24.77
N CYS B 172 -6.06 24.57 -23.91
CA CYS B 172 -5.48 25.90 -23.73
C CYS B 172 -5.06 26.53 -25.06
N PHE B 173 -4.41 25.72 -25.90
CA PHE B 173 -3.87 26.16 -27.19
C PHE B 173 -4.97 26.59 -28.14
N ASN B 174 -6.08 25.85 -28.11
CA ASN B 174 -7.25 26.14 -28.94
C ASN B 174 -8.13 27.23 -28.34
N GLU B 175 -7.80 27.65 -27.12
CA GLU B 175 -8.52 28.73 -26.44
C GLU B 175 -7.76 30.05 -26.50
N ILE B 176 -6.74 30.10 -27.35
CA ILE B 176 -6.10 31.35 -27.74
C ILE B 176 -6.53 31.65 -29.18
N GLN B 177 -7.37 32.66 -29.37
CA GLN B 177 -7.85 33.00 -30.71
C GLN B 177 -6.86 33.86 -31.48
N GLY B 178 -7.03 33.91 -32.79
CA GLY B 178 -6.21 34.78 -33.64
C GLY B 178 -5.07 34.07 -34.33
N GLU B 179 -4.71 32.89 -33.81
CA GLU B 179 -3.64 32.05 -34.37
C GLU B 179 -2.21 32.59 -34.24
N SER B 180 -1.98 33.43 -33.23
CA SER B 180 -0.63 33.86 -32.88
C SER B 180 -0.45 33.82 -31.35
N VAL B 181 0.75 33.42 -30.91
CA VAL B 181 1.00 33.20 -29.50
C VAL B 181 2.09 34.12 -28.96
N SER B 182 1.90 34.65 -27.76
CA SER B 182 2.90 35.55 -27.18
C SER B 182 3.77 34.84 -26.13
N LEU B 183 4.78 34.13 -26.62
CA LEU B 183 5.76 33.50 -25.75
C LEU B 183 6.77 34.55 -25.37
N GLY B 184 7.43 34.37 -24.23
CA GLY B 184 8.45 35.31 -23.81
C GLY B 184 8.07 36.08 -22.55
N ASP B 185 7.09 35.54 -21.83
CA ASP B 185 6.81 36.00 -20.48
C ASP B 185 7.89 35.39 -19.58
N ASP B 186 8.43 34.26 -20.04
CA ASP B 186 9.46 33.52 -19.32
C ASP B 186 10.70 34.35 -18.88
N PRO B 187 11.30 35.15 -19.80
CA PRO B 187 12.42 35.97 -19.31
C PRO B 187 11.98 37.40 -18.99
N SER B 188 12.92 38.21 -18.51
CA SER B 188 12.67 39.64 -18.30
C SER B 188 12.95 40.41 -19.59
N GLN B 189 13.26 39.66 -20.65
CA GLN B 189 13.44 40.20 -21.98
C GLN B 189 12.05 40.37 -22.64
N PRO B 190 11.93 41.33 -23.57
CA PRO B 190 10.65 41.69 -24.23
C PRO B 190 9.82 40.52 -24.78
N GLN B 191 8.59 40.85 -25.18
CA GLN B 191 7.60 39.84 -25.55
C GLN B 191 7.55 39.56 -27.05
N THR B 192 8.18 38.47 -27.47
CA THR B 192 8.14 38.04 -28.86
C THR B 192 6.75 37.49 -29.19
N THR B 193 6.51 37.15 -30.47
CA THR B 193 5.26 36.52 -30.89
C THR B 193 5.53 35.44 -31.93
N ILE B 194 4.73 34.38 -31.92
CA ILE B 194 5.01 33.18 -32.70
C ILE B 194 3.74 32.62 -33.35
N ASN B 195 3.84 32.21 -34.61
CA ASN B 195 2.72 31.63 -35.33
C ASN B 195 2.21 30.32 -34.70
N LYS B 196 0.99 29.92 -35.06
CA LYS B 196 0.40 28.68 -34.55
C LYS B 196 0.84 27.51 -35.42
N GLU B 197 1.23 27.82 -36.66
CA GLU B 197 1.76 26.81 -37.58
C GLU B 197 3.10 26.24 -37.11
N GLN B 198 3.81 27.00 -36.29
CA GLN B 198 5.18 26.65 -35.92
C GLN B 198 5.28 25.87 -34.63
N PHE B 199 4.15 25.39 -34.12
CA PHE B 199 4.16 24.52 -32.93
C PHE B 199 4.15 23.03 -33.38
N SER B 200 4.61 22.13 -32.53
CA SER B 200 4.56 20.70 -32.84
C SER B 200 3.45 20.02 -32.07
N LYS B 201 2.71 19.16 -32.75
CA LYS B 201 1.72 18.33 -32.06
C LYS B 201 2.41 17.05 -31.57
N ARG B 202 2.59 16.94 -30.26
CA ARG B 202 3.22 15.76 -29.67
C ARG B 202 2.24 15.03 -28.78
N LYS B 203 2.68 13.89 -28.27
CA LYS B 203 1.99 13.22 -27.18
C LYS B 203 3.06 13.07 -26.08
N ASN B 204 2.63 13.12 -24.83
CA ASN B 204 3.55 12.99 -23.70
C ASN B 204 3.82 11.53 -23.33
N ASP B 205 4.21 10.73 -24.32
CA ASP B 205 4.34 9.29 -24.12
C ASP B 205 5.79 8.82 -24.20
N THR B 206 6.74 9.75 -24.07
CA THR B 206 8.16 9.40 -24.21
C THR B 206 8.75 8.70 -23.00
N LEU B 207 9.31 7.52 -23.24
CA LEU B 207 9.95 6.75 -22.19
C LEU B 207 11.46 6.63 -22.43
N ASP B 208 12.26 7.05 -21.44
CA ASP B 208 13.71 6.94 -21.53
C ASP B 208 14.17 5.66 -20.83
N PRO B 209 14.98 4.84 -21.52
CA PRO B 209 15.60 3.63 -20.94
C PRO B 209 16.59 3.99 -19.84
N GLU B 210 16.72 3.16 -18.81
CA GLU B 210 17.79 3.37 -17.85
C GLU B 210 19.08 3.12 -18.61
N LEU B 211 20.17 3.73 -18.18
CA LEU B 211 21.43 3.54 -18.87
C LEU B 211 22.14 2.31 -18.31
N PHE B 212 22.87 1.59 -19.15
CA PHE B 212 23.70 0.49 -18.65
C PHE B 212 25.14 0.95 -18.57
N VAL B 213 25.95 0.26 -17.77
CA VAL B 213 27.39 0.47 -17.77
C VAL B 213 28.04 -0.89 -18.01
N GLU B 214 29.09 -0.92 -18.83
CA GLU B 214 29.81 -2.17 -19.06
C GLU B 214 30.87 -2.39 -17.99
N CYS B 215 31.08 -3.64 -17.63
CA CYS B 215 32.20 -3.96 -16.78
C CYS B 215 33.45 -4.04 -17.64
N THR B 216 34.53 -3.44 -17.17
CA THR B 216 35.78 -3.33 -17.95
C THR B 216 36.53 -4.66 -18.08
N GLU B 217 36.15 -5.63 -17.27
CA GLU B 217 36.75 -6.97 -17.33
C GLU B 217 35.86 -7.98 -18.05
N CYS B 218 34.68 -8.25 -17.49
CA CYS B 218 33.77 -9.27 -18.04
C CYS B 218 32.97 -8.78 -19.23
N GLY B 219 32.62 -7.49 -19.24
CA GLY B 219 31.98 -6.88 -20.39
C GLY B 219 30.46 -6.93 -20.44
N ARG B 220 29.83 -7.24 -19.32
CA ARG B 220 28.37 -7.34 -19.24
C ARG B 220 27.72 -5.97 -19.07
N LYS B 221 26.63 -5.71 -19.78
CA LYS B 221 25.81 -4.54 -19.47
C LYS B 221 25.11 -4.79 -18.15
N MET B 222 25.33 -3.92 -17.18
CA MET B 222 24.54 -3.95 -15.95
C MET B 222 23.92 -2.57 -15.72
N HIS B 223 22.71 -2.54 -15.18
CA HIS B 223 21.99 -1.28 -14.95
C HIS B 223 22.81 -0.38 -14.04
N GLN B 224 23.08 0.85 -14.49
CA GLN B 224 23.83 1.84 -13.70
C GLN B 224 23.27 1.95 -12.28
N ILE B 225 21.98 2.22 -12.19
CA ILE B 225 21.30 2.39 -10.91
C ILE B 225 21.40 1.16 -9.97
N CYS B 226 21.44 -0.04 -10.54
CA CYS B 226 21.56 -1.26 -9.76
C CYS B 226 22.92 -1.41 -9.10
N VAL B 227 23.98 -1.14 -9.85
CA VAL B 227 25.34 -1.34 -9.37
C VAL B 227 25.99 -0.06 -8.84
N LEU B 228 25.22 1.02 -8.80
CA LEU B 228 25.72 2.32 -8.32
C LEU B 228 27.15 2.71 -8.75
N HIS B 229 27.41 2.75 -10.07
CA HIS B 229 28.69 3.24 -10.58
C HIS B 229 28.63 4.70 -11.03
N HIS B 230 29.47 5.53 -10.45
CA HIS B 230 29.57 6.94 -10.82
C HIS B 230 30.93 7.24 -11.40
N GLU B 231 30.94 7.87 -12.58
CA GLU B 231 32.16 8.21 -13.30
C GLU B 231 33.19 8.96 -12.44
N ILE B 232 32.69 9.69 -11.45
CA ILE B 232 33.52 10.56 -10.63
C ILE B 232 34.06 9.86 -9.37
N ILE B 233 33.27 8.96 -8.80
CA ILE B 233 33.68 8.26 -7.59
C ILE B 233 34.78 7.21 -7.85
N TRP B 234 34.59 6.45 -8.93
CA TRP B 234 35.53 5.39 -9.33
C TRP B 234 36.01 5.60 -10.78
N PRO B 235 36.84 6.63 -11.02
CA PRO B 235 37.17 7.00 -12.40
C PRO B 235 38.05 5.99 -13.14
N ALA B 236 38.40 4.87 -12.50
CA ALA B 236 39.24 3.90 -13.18
C ALA B 236 38.40 2.80 -13.85
N GLY B 237 37.15 3.13 -14.17
CA GLY B 237 36.25 2.22 -14.84
C GLY B 237 35.40 1.42 -13.87
N PHE B 238 34.24 0.97 -14.32
CA PHE B 238 33.37 0.13 -13.51
C PHE B 238 33.82 -1.32 -13.53
N VAL B 239 33.93 -1.92 -12.36
CA VAL B 239 34.17 -3.36 -12.25
C VAL B 239 33.05 -4.02 -11.45
N CYS B 240 32.47 -5.08 -12.01
CA CYS B 240 31.26 -5.71 -11.46
C CYS B 240 31.49 -6.41 -10.14
N ASP B 241 30.41 -6.66 -9.41
CA ASP B 241 30.53 -7.31 -8.13
C ASP B 241 31.19 -8.69 -8.22
N GLY B 242 30.86 -9.43 -9.27
CA GLY B 242 31.42 -10.76 -9.47
C GLY B 242 32.92 -10.79 -9.74
N CYS B 243 33.40 -9.90 -10.60
CA CYS B 243 34.82 -9.79 -10.94
C CYS B 243 35.68 -9.34 -9.76
N LEU B 244 35.09 -8.55 -8.87
CA LEU B 244 35.79 -8.14 -7.67
C LEU B 244 35.88 -9.32 -6.71
N LYS B 245 34.81 -10.11 -6.64
CA LYS B 245 34.78 -11.28 -5.77
C LYS B 245 35.65 -12.41 -6.30
N LYS B 246 36.02 -12.34 -7.58
CA LYS B 246 36.92 -13.31 -8.20
C LYS B 246 38.39 -12.96 -8.03
N SER B 247 38.68 -11.80 -7.45
CA SER B 247 40.06 -11.37 -7.31
C SER B 247 40.43 -11.05 -5.86
N ALA B 248 39.55 -11.44 -4.93
CA ALA B 248 39.74 -11.19 -3.50
C ALA B 248 40.00 -9.70 -3.20
N ARG B 249 39.20 -8.84 -3.82
CA ARG B 249 39.40 -7.40 -3.72
C ARG B 249 38.07 -6.69 -3.86
N THR B 250 38.00 -5.45 -3.38
CA THR B 250 36.75 -4.70 -3.42
C THR B 250 36.94 -3.28 -3.95
N ARG B 251 35.82 -2.59 -4.13
CA ARG B 251 35.83 -1.23 -4.64
C ARG B 251 36.47 -0.26 -3.66
N LYS B 252 37.22 0.70 -4.20
CA LYS B 252 37.91 1.71 -3.41
C LYS B 252 36.90 2.55 -2.64
N GLU B 253 37.20 2.84 -1.36
CA GLU B 253 36.27 3.53 -0.47
C GLU B 253 35.65 4.77 -1.10
N ASN B 254 34.33 4.86 -1.10
CA ASN B 254 33.62 6.04 -1.60
C ASN B 254 33.92 7.25 -0.72
N LYS B 255 34.67 8.19 -1.27
CA LYS B 255 35.08 9.34 -0.49
C LYS B 255 33.98 10.40 -0.40
N PHE B 256 32.98 10.31 -1.28
CA PHE B 256 31.87 11.27 -1.28
C PHE B 256 30.66 10.72 -0.55
N SER B 257 30.84 10.39 0.72
CA SER B 257 29.77 9.83 1.54
C SER B 257 29.00 10.93 2.22
N ALA B 258 27.80 10.60 2.68
CA ALA B 258 27.06 11.51 3.54
C ALA B 258 27.84 11.80 4.82
N LYS B 259 28.43 10.77 5.40
CA LYS B 259 29.19 10.93 6.65
C LYS B 259 30.33 11.97 6.53
N ARG B 260 31.09 11.94 5.44
CA ARG B 260 32.24 12.84 5.27
C ARG B 260 31.88 14.27 4.84
N LEU B 261 30.61 14.55 4.63
CA LEU B 261 30.18 15.94 4.46
C LEU B 261 30.61 16.67 5.71
N PRO B 262 31.03 17.95 5.56
CA PRO B 262 31.52 18.72 6.71
C PRO B 262 30.48 18.81 7.81
N SER B 263 30.90 18.59 9.06
CA SER B 263 29.96 18.64 10.18
C SER B 263 29.68 20.08 10.63
N THR B 264 28.63 20.26 11.41
CA THR B 264 28.29 21.53 12.05
C THR B 264 27.81 21.23 13.46
N ARG B 265 27.92 22.23 14.33
CA ARG B 265 27.41 22.10 15.68
C ARG B 265 25.91 21.78 15.66
N LEU B 266 25.18 22.40 14.73
CA LEU B 266 23.75 22.09 14.56
C LEU B 266 23.56 20.67 14.05
N GLY B 267 24.36 20.29 13.06
CA GLY B 267 24.22 18.99 12.46
C GLY B 267 24.39 17.92 13.52
N THR B 268 25.50 18.04 14.23
CA THR B 268 25.89 17.09 15.26
C THR B 268 24.86 17.01 16.38
N PHE B 269 24.24 18.15 16.70
CA PHE B 269 23.24 18.15 17.76
C PHE B 269 22.06 17.28 17.35
N LEU B 270 21.57 17.50 16.13
CA LEU B 270 20.40 16.79 15.63
C LEU B 270 20.62 15.27 15.56
N GLU B 271 21.78 14.85 15.04
CA GLU B 271 22.06 13.42 14.85
C GLU B 271 22.35 12.72 16.19
N ASN B 272 22.96 13.42 17.13
CA ASN B 272 23.13 12.88 18.46
C ASN B 272 21.80 12.59 19.15
N ARG B 273 20.81 13.44 18.92
CA ARG B 273 19.48 13.22 19.47
C ARG B 273 18.83 11.97 18.86
N VAL B 274 18.88 11.89 17.53
CA VAL B 274 18.27 10.78 16.81
C VAL B 274 18.92 9.45 17.19
N ASN B 275 20.24 9.44 17.21
CA ASN B 275 20.94 8.19 17.42
C ASN B 275 20.86 7.72 18.86
N ASP B 276 20.72 8.65 19.80
CA ASP B 276 20.49 8.28 21.19
C ASP B 276 19.10 7.68 21.30
N PHE B 277 18.20 8.26 20.51
CA PHE B 277 16.83 7.80 20.48
C PHE B 277 16.74 6.36 19.95
N LEU B 278 17.56 6.02 18.98
CA LEU B 278 17.50 4.68 18.42
C LEU B 278 18.14 3.68 19.35
N ARG B 279 19.20 4.10 20.06
CA ARG B 279 19.86 3.24 21.00
C ARG B 279 18.94 2.88 22.16
N ARG B 280 18.19 3.86 22.66
CA ARG B 280 17.26 3.60 23.74
C ARG B 280 16.13 2.66 23.29
N GLN B 281 15.66 2.84 22.05
CA GLN B 281 14.61 1.97 21.52
C GLN B 281 15.07 0.51 21.40
N ASN B 282 16.31 0.31 20.95
CA ASN B 282 16.95 -1.00 20.90
C ASN B 282 16.24 -1.94 19.91
N HIS B 283 15.75 -1.38 18.84
CA HIS B 283 15.01 -2.12 17.82
C HIS B 283 16.01 -2.73 16.82
N PRO B 284 15.97 -4.06 16.62
CA PRO B 284 17.05 -4.78 15.91
C PRO B 284 17.20 -4.56 14.39
N GLU B 285 16.41 -3.67 13.81
CA GLU B 285 16.55 -3.40 12.38
C GLU B 285 17.46 -2.21 12.11
N SER B 286 17.74 -1.41 13.14
CA SER B 286 18.07 0.00 12.96
C SER B 286 19.49 0.33 12.57
N GLY B 287 19.63 1.39 11.78
CA GLY B 287 20.93 1.89 11.36
C GLY B 287 21.20 3.24 11.99
N GLU B 288 22.40 3.76 11.85
CA GLU B 288 22.68 5.06 12.45
C GLU B 288 22.24 6.12 11.47
N VAL B 289 21.89 7.28 12.00
CA VAL B 289 21.44 8.40 11.21
C VAL B 289 22.51 9.48 11.17
N THR B 290 22.68 10.06 9.99
CA THR B 290 23.62 11.11 9.78
C THR B 290 22.85 12.37 9.39
N VAL B 291 23.00 13.45 10.16
CA VAL B 291 22.37 14.71 9.80
C VAL B 291 23.46 15.69 9.43
N ARG B 292 23.34 16.29 8.26
CA ARG B 292 24.27 17.31 7.86
C ARG B 292 23.54 18.57 7.37
N VAL B 293 24.08 19.72 7.74
CA VAL B 293 23.60 21.00 7.24
C VAL B 293 24.46 21.32 6.00
N VAL B 294 23.82 21.57 4.88
CA VAL B 294 24.56 21.68 3.64
C VAL B 294 24.44 23.07 3.01
N HIS B 295 23.77 23.98 3.71
CA HIS B 295 23.61 25.33 3.25
C HIS B 295 23.32 26.26 4.40
N ALA B 296 24.03 27.38 4.43
CA ALA B 296 23.76 28.41 5.40
C ALA B 296 24.12 29.74 4.77
N SER B 297 23.12 30.49 4.34
CA SER B 297 23.37 31.80 3.76
C SER B 297 22.49 32.84 4.42
N ASP B 298 23.00 34.07 4.48
CA ASP B 298 22.23 35.18 5.02
C ASP B 298 21.43 35.85 3.92
N LYS B 299 20.17 36.16 4.19
CA LYS B 299 19.28 36.74 3.19
C LYS B 299 18.40 37.85 3.78
N THR B 300 17.55 38.45 2.96
CA THR B 300 16.52 39.39 3.44
C THR B 300 15.21 39.30 2.64
N VAL B 301 14.09 39.25 3.34
CA VAL B 301 12.80 39.31 2.65
C VAL B 301 12.30 40.75 2.64
N GLU B 302 11.88 41.20 1.46
CA GLU B 302 11.47 42.59 1.27
C GLU B 302 9.98 42.71 1.23
N VAL B 303 9.44 43.58 2.08
CA VAL B 303 8.00 43.79 2.13
C VAL B 303 7.45 44.15 0.74
N LYS B 304 6.48 43.37 0.27
CA LYS B 304 5.88 43.53 -1.07
C LYS B 304 5.16 44.88 -1.25
N PRO B 305 4.93 45.30 -2.51
CA PRO B 305 4.43 46.67 -2.77
C PRO B 305 3.26 47.16 -1.91
N GLY B 306 2.21 46.35 -1.79
CA GLY B 306 1.00 46.76 -1.07
C GLY B 306 1.29 47.22 0.34
N MET B 307 1.83 46.31 1.15
CA MET B 307 2.21 46.62 2.52
C MET B 307 3.32 47.66 2.57
N LYS B 308 4.22 47.64 1.59
CA LYS B 308 5.28 48.66 1.55
C LYS B 308 4.65 50.04 1.57
N ALA B 309 3.60 50.21 0.79
CA ALA B 309 2.96 51.52 0.71
C ALA B 309 2.14 51.82 1.96
N ARG B 310 1.46 50.82 2.50
CA ARG B 310 0.59 51.07 3.65
C ARG B 310 1.39 51.33 4.93
N PHE B 311 2.44 50.55 5.15
CA PHE B 311 3.11 50.55 6.45
C PHE B 311 4.57 50.98 6.43
N VAL B 312 5.29 50.66 5.36
CA VAL B 312 6.72 50.96 5.29
C VAL B 312 7.00 52.46 5.09
N ASP B 313 6.47 53.02 4.01
CA ASP B 313 6.61 54.44 3.73
C ASP B 313 6.06 55.27 4.89
N SER B 314 5.15 54.68 5.63
CA SER B 314 4.53 55.31 6.78
C SER B 314 5.51 55.46 7.96
N GLY B 315 6.54 54.63 7.97
CA GLY B 315 7.44 54.53 9.11
C GLY B 315 6.97 53.58 10.21
N GLU B 316 5.92 52.80 9.93
CA GLU B 316 5.33 51.92 10.95
C GLU B 316 5.93 50.52 10.99
N MET B 317 6.66 50.12 9.95
CA MET B 317 7.33 48.81 9.96
C MET B 317 8.53 48.77 9.03
N ALA B 318 9.51 47.91 9.36
CA ALA B 318 10.74 47.82 8.59
C ALA B 318 10.53 47.43 7.13
N GLU B 319 11.33 48.02 6.25
CA GLU B 319 11.15 47.77 4.82
C GLU B 319 11.50 46.34 4.47
N SER B 320 12.45 45.75 5.19
CA SER B 320 12.86 44.38 4.94
C SER B 320 13.42 43.77 6.22
N PHE B 321 13.33 42.46 6.34
CA PHE B 321 13.88 41.74 7.49
C PHE B 321 15.01 40.82 7.07
N PRO B 322 16.09 40.81 7.86
CA PRO B 322 17.24 39.93 7.65
C PRO B 322 17.01 38.60 8.32
N TYR B 323 17.27 37.52 7.60
CA TYR B 323 17.24 36.18 8.18
C TYR B 323 18.37 35.30 7.67
N ARG B 324 18.69 34.26 8.43
CA ARG B 324 19.62 33.26 7.94
C ARG B 324 18.80 32.06 7.45
N THR B 325 19.18 31.51 6.30
CA THR B 325 18.48 30.34 5.76
C THR B 325 19.43 29.14 5.80
N LYS B 326 18.90 27.96 6.11
CA LYS B 326 19.73 26.76 6.26
C LYS B 326 19.02 25.60 5.58
N ALA B 327 19.81 24.65 5.08
CA ALA B 327 19.23 23.44 4.49
C ALA B 327 19.91 22.25 5.11
N LEU B 328 19.13 21.31 5.62
CA LEU B 328 19.74 20.18 6.28
C LEU B 328 19.04 18.85 5.94
N PHE B 329 19.85 17.86 5.61
CA PHE B 329 19.35 16.56 5.19
C PHE B 329 19.80 15.44 6.14
N ALA B 330 18.93 14.45 6.32
CA ALA B 330 19.26 13.27 7.13
C ALA B 330 19.44 12.02 6.25
N PHE B 331 20.51 11.25 6.51
CA PHE B 331 20.84 10.07 5.71
C PHE B 331 20.88 8.80 6.58
N GLU B 332 20.68 7.63 5.96
CA GLU B 332 20.83 6.37 6.69
C GLU B 332 21.56 5.35 5.84
N GLU B 333 22.34 4.48 6.47
CA GLU B 333 22.98 3.39 5.74
C GLU B 333 22.03 2.22 5.53
N ILE B 334 21.76 1.91 4.25
CA ILE B 334 20.84 0.84 3.87
C ILE B 334 21.44 -0.05 2.79
N ASP B 335 21.73 -1.31 3.13
CA ASP B 335 22.47 -2.22 2.26
C ASP B 335 23.88 -1.68 2.02
N GLY B 336 24.45 -1.02 3.04
CA GLY B 336 25.79 -0.47 2.95
C GLY B 336 25.95 0.76 2.05
N VAL B 337 24.84 1.44 1.78
CA VAL B 337 24.84 2.58 0.86
C VAL B 337 24.05 3.71 1.50
N ASP B 338 24.48 4.96 1.29
CA ASP B 338 23.77 6.10 1.86
C ASP B 338 22.43 6.28 1.18
N LEU B 339 21.40 6.57 1.97
CA LEU B 339 20.10 6.97 1.45
C LEU B 339 19.56 8.21 2.16
N CYS B 340 19.31 9.28 1.41
CA CYS B 340 18.79 10.50 2.00
C CYS B 340 17.28 10.34 2.15
N PHE B 341 16.78 10.48 3.39
CA PHE B 341 15.36 10.19 3.67
C PHE B 341 14.52 11.37 4.20
N PHE B 342 15.17 12.46 4.57
CA PHE B 342 14.47 13.60 5.13
C PHE B 342 15.20 14.86 4.77
N GLY B 343 14.46 15.97 4.64
CA GLY B 343 15.07 17.22 4.24
C GLY B 343 14.25 18.41 4.70
N MET B 344 14.92 19.47 5.09
CA MET B 344 14.24 20.61 5.68
C MET B 344 15.03 21.87 5.34
N HIS B 345 14.32 22.94 5.02
CA HIS B 345 14.93 24.27 4.89
C HIS B 345 14.30 25.12 5.98
N VAL B 346 15.12 25.94 6.65
CA VAL B 346 14.59 26.84 7.66
C VAL B 346 14.99 28.31 7.41
N GLN B 347 14.24 29.21 8.04
CA GLN B 347 14.53 30.63 8.02
C GLN B 347 14.65 31.08 9.48
N GLU B 348 15.82 31.59 9.86
CA GLU B 348 16.10 31.95 11.25
C GLU B 348 16.25 33.47 11.41
N TYR B 349 15.31 34.11 12.10
CA TYR B 349 15.34 35.56 12.30
C TYR B 349 15.92 35.94 13.65
N GLY B 350 17.21 36.23 13.65
CA GLY B 350 17.94 36.44 14.89
C GLY B 350 17.63 37.72 15.63
N SER B 351 18.52 38.06 16.56
CA SER B 351 18.31 39.17 17.48
C SER B 351 18.63 40.52 16.83
N ASP B 352 19.27 40.46 15.67
CA ASP B 352 19.65 41.67 14.94
C ASP B 352 18.49 42.14 14.06
N CYS B 353 17.43 41.35 14.09
CA CYS B 353 16.29 41.56 13.23
C CYS B 353 15.22 42.33 13.97
N PRO B 354 14.70 43.37 13.34
CA PRO B 354 13.67 44.23 13.94
C PRO B 354 12.34 43.50 14.05
N PRO B 355 11.43 44.01 14.88
CA PRO B 355 10.12 43.37 15.02
C PRO B 355 9.35 43.50 13.73
N PRO B 356 8.31 42.69 13.54
CA PRO B 356 7.85 41.65 14.48
C PRO B 356 8.57 40.31 14.36
N ASN B 357 9.63 40.23 13.56
CA ASN B 357 10.26 38.92 13.31
C ASN B 357 11.35 38.53 14.29
N GLN B 358 11.68 39.44 15.19
CA GLN B 358 12.78 39.29 16.15
C GLN B 358 12.73 37.98 16.90
N ARG B 359 13.78 37.19 16.75
CA ARG B 359 13.94 35.91 17.48
C ARG B 359 12.93 34.84 17.11
N ARG B 360 12.57 34.75 15.83
CA ARG B 360 11.62 33.75 15.34
C ARG B 360 12.27 32.79 14.31
N VAL B 361 12.00 31.49 14.43
CA VAL B 361 12.41 30.58 13.35
C VAL B 361 11.20 30.13 12.57
N TYR B 362 11.40 29.87 11.27
CA TYR B 362 10.34 29.43 10.38
C TYR B 362 10.77 28.27 9.51
N ILE B 363 9.99 27.19 9.53
CA ILE B 363 10.24 26.02 8.70
C ILE B 363 9.68 26.27 7.32
N SER B 364 10.54 26.60 6.36
CA SER B 364 10.11 26.87 4.99
C SER B 364 9.40 25.67 4.34
N TYR B 365 10.08 24.53 4.38
CA TYR B 365 9.67 23.35 3.65
C TYR B 365 10.25 22.13 4.34
N LEU B 366 9.63 20.98 4.13
CA LEU B 366 10.01 19.75 4.80
C LEU B 366 9.56 18.56 3.97
N ASP B 367 10.43 17.58 3.76
CA ASP B 367 10.05 16.49 2.88
C ASP B 367 10.76 15.24 3.31
N SER B 368 10.35 14.11 2.73
CA SER B 368 10.89 12.83 3.15
C SER B 368 10.67 11.77 2.07
N VAL B 369 11.49 10.70 2.09
CA VAL B 369 11.26 9.53 1.24
C VAL B 369 11.20 8.31 2.14
N HIS B 370 10.13 7.54 2.03
CA HIS B 370 9.72 6.64 3.11
C HIS B 370 10.50 5.32 3.27
N PHE B 371 11.75 5.26 2.83
CA PHE B 371 12.54 4.04 2.94
C PHE B 371 13.42 3.94 4.18
N PHE B 372 13.13 4.69 5.23
CA PHE B 372 13.92 4.58 6.45
C PHE B 372 13.66 3.25 7.13
N ARG B 373 14.73 2.56 7.53
CA ARG B 373 14.61 1.31 8.29
C ARG B 373 14.90 1.55 9.77
N PRO B 374 14.10 0.96 10.68
CA PRO B 374 12.83 0.25 10.50
C PRO B 374 11.63 1.19 10.26
N LYS B 375 10.74 0.85 9.32
CA LYS B 375 9.46 1.53 9.13
C LYS B 375 8.83 2.05 10.43
N CYS B 376 8.72 1.20 11.45
CA CYS B 376 7.96 1.57 12.65
C CYS B 376 8.56 2.72 13.47
N LEU B 377 9.76 3.17 13.11
CA LEU B 377 10.38 4.26 13.82
C LEU B 377 10.44 5.53 12.98
N ARG B 378 10.01 5.43 11.73
CA ARG B 378 10.13 6.54 10.80
C ARG B 378 9.51 7.83 11.33
N THR B 379 8.25 7.80 11.72
CA THR B 379 7.63 9.01 12.23
C THR B 379 8.31 9.54 13.50
N ALA B 380 8.77 8.63 14.37
CA ALA B 380 9.40 9.09 15.59
C ALA B 380 10.68 9.86 15.26
N VAL B 381 11.43 9.36 14.27
CA VAL B 381 12.72 9.92 13.93
C VAL B 381 12.51 11.30 13.33
N TYR B 382 11.51 11.43 12.45
CA TYR B 382 11.15 12.75 11.92
C TYR B 382 10.91 13.70 13.08
N HIS B 383 10.12 13.27 14.06
CA HIS B 383 9.78 14.11 15.20
C HIS B 383 11.02 14.46 16.03
N GLU B 384 11.92 13.49 16.23
CA GLU B 384 13.14 13.76 16.98
C GLU B 384 13.96 14.84 16.29
N ILE B 385 14.04 14.77 14.96
CA ILE B 385 14.72 15.82 14.20
C ILE B 385 14.06 17.19 14.43
N LEU B 386 12.75 17.28 14.19
CA LEU B 386 12.02 18.53 14.43
C LEU B 386 12.15 19.05 15.87
N ILE B 387 12.00 18.16 16.86
CA ILE B 387 12.04 18.53 18.27
C ILE B 387 13.46 18.91 18.63
N GLY B 388 14.42 18.35 17.89
CA GLY B 388 15.83 18.64 18.10
C GLY B 388 16.18 20.02 17.60
N TYR B 389 15.63 20.39 16.46
CA TYR B 389 15.83 21.72 15.91
C TYR B 389 15.21 22.80 16.80
N LEU B 390 13.96 22.59 17.21
CA LEU B 390 13.29 23.54 18.09
C LEU B 390 14.03 23.62 19.43
N GLU B 391 14.71 22.55 19.84
CA GLU B 391 15.42 22.58 21.12
C GLU B 391 16.74 23.32 20.97
N TYR B 392 17.32 23.24 19.79
CA TYR B 392 18.62 23.85 19.52
C TYR B 392 18.49 25.35 19.40
N VAL B 393 17.45 25.82 18.70
CA VAL B 393 17.23 27.25 18.53
C VAL B 393 16.79 27.97 19.82
N LYS B 394 16.08 27.25 20.69
CA LYS B 394 15.75 27.75 22.03
C LYS B 394 17.01 28.01 22.86
N LYS B 395 17.85 26.99 22.98
CA LYS B 395 19.13 27.12 23.70
C LYS B 395 20.01 28.24 23.15
N LEU B 396 19.80 28.60 21.88
CA LEU B 396 20.54 29.68 21.27
C LEU B 396 19.89 31.03 21.53
N GLY B 397 18.63 31.01 21.96
CA GLY B 397 17.91 32.21 22.33
C GLY B 397 16.71 32.63 21.47
N TYR B 398 16.35 31.84 20.47
CA TYR B 398 15.15 32.10 19.69
C TYR B 398 13.92 31.74 20.53
N THR B 399 12.91 32.59 20.53
CA THR B 399 11.76 32.42 21.42
C THR B 399 10.63 31.67 20.77
N THR B 400 10.54 31.73 19.44
CA THR B 400 9.30 31.35 18.77
C THR B 400 9.53 30.72 17.39
N GLY B 401 8.85 29.59 17.15
CA GLY B 401 8.94 28.91 15.87
C GLY B 401 7.60 28.88 15.17
N HIS B 402 7.61 28.81 13.84
CA HIS B 402 6.38 28.90 13.06
C HIS B 402 6.32 27.83 11.99
N ILE B 403 5.19 27.15 11.88
CA ILE B 403 5.05 26.11 10.88
C ILE B 403 3.75 26.31 10.12
N TRP B 404 3.86 26.33 8.79
CA TRP B 404 2.70 26.39 7.89
C TRP B 404 2.38 24.96 7.46
N ALA B 405 1.50 24.31 8.22
CA ALA B 405 1.14 22.93 7.98
C ALA B 405 0.23 22.79 6.76
N CYS B 406 0.80 22.38 5.63
CA CYS B 406 0.07 22.25 4.36
C CYS B 406 0.76 21.29 3.43
N PRO B 407 0.06 20.24 2.99
CA PRO B 407 0.72 19.20 2.20
C PRO B 407 0.83 19.60 0.75
N PRO B 408 1.76 19.00 0.01
CA PRO B 408 1.87 19.31 -1.41
C PRO B 408 0.67 18.85 -2.22
N SER B 409 0.35 19.63 -3.25
CA SER B 409 -0.64 19.25 -4.23
C SER B 409 -0.20 17.98 -4.96
N GLU B 410 -1.14 17.33 -5.65
CA GLU B 410 -0.83 16.12 -6.39
C GLU B 410 0.22 16.41 -7.46
N GLY B 411 1.23 15.54 -7.52
CA GLY B 411 2.27 15.62 -8.53
C GLY B 411 3.31 16.72 -8.28
N ASP B 412 3.22 17.33 -7.11
CA ASP B 412 4.14 18.37 -6.74
C ASP B 412 5.09 17.76 -5.70
N ASP B 413 6.29 18.31 -5.57
CA ASP B 413 7.27 17.82 -4.61
C ASP B 413 7.92 19.02 -3.94
N TYR B 414 7.99 18.99 -2.62
CA TYR B 414 8.63 20.10 -1.92
C TYR B 414 10.12 20.08 -2.15
N ILE B 415 10.77 18.97 -1.82
CA ILE B 415 12.22 18.89 -1.93
C ILE B 415 12.71 17.74 -2.82
N PHE B 416 12.29 16.51 -2.54
CA PHE B 416 12.81 15.39 -3.33
C PHE B 416 11.97 15.10 -4.55
N HIS B 417 12.58 15.25 -5.72
CA HIS B 417 11.89 15.05 -6.99
C HIS B 417 11.33 13.65 -7.19
N CYS B 418 10.03 13.56 -7.47
CA CYS B 418 9.40 12.31 -7.89
C CYS B 418 9.46 11.25 -6.78
N HIS B 419 8.47 11.30 -5.90
CA HIS B 419 8.35 10.40 -4.77
C HIS B 419 7.97 8.99 -5.20
N PRO B 420 7.97 8.03 -4.26
CA PRO B 420 7.49 6.69 -4.63
C PRO B 420 5.99 6.71 -4.78
N PRO B 421 5.45 5.98 -5.76
CA PRO B 421 4.01 6.05 -6.01
C PRO B 421 3.14 5.57 -4.83
N ASP B 422 3.72 4.79 -3.92
CA ASP B 422 2.96 4.27 -2.80
C ASP B 422 3.27 4.98 -1.48
N GLN B 423 4.03 6.06 -1.55
CA GLN B 423 4.10 6.96 -0.40
C GLN B 423 2.87 7.87 -0.36
N LYS B 424 1.85 7.47 0.40
CA LYS B 424 0.65 8.28 0.50
C LYS B 424 1.00 9.66 1.02
N ILE B 425 0.40 10.70 0.43
CA ILE B 425 0.55 12.07 0.93
C ILE B 425 -0.56 12.39 1.89
N PRO B 426 -0.23 12.87 3.10
CA PRO B 426 -1.31 13.13 4.04
C PRO B 426 -2.26 14.25 3.62
N LYS B 427 -3.52 14.10 4.01
CA LYS B 427 -4.52 15.14 3.88
C LYS B 427 -4.26 16.10 5.04
N PRO B 428 -4.78 17.32 4.94
CA PRO B 428 -4.60 18.34 5.99
C PRO B 428 -4.85 17.87 7.44
N LYS B 429 -5.99 17.28 7.73
CA LYS B 429 -6.25 16.83 9.10
C LYS B 429 -5.20 15.84 9.65
N ARG B 430 -4.57 15.06 8.78
CA ARG B 430 -3.53 14.13 9.22
C ARG B 430 -2.24 14.85 9.56
N LEU B 431 -1.83 15.70 8.63
CA LEU B 431 -0.60 16.47 8.75
C LEU B 431 -0.68 17.38 9.95
N GLN B 432 -1.86 17.93 10.18
CA GLN B 432 -2.07 18.77 11.35
C GLN B 432 -1.90 17.95 12.63
N GLU B 433 -2.54 16.79 12.68
CA GLU B 433 -2.39 15.92 13.83
C GLU B 433 -0.96 15.47 14.01
N TRP B 434 -0.20 15.46 12.91
CA TRP B 434 1.18 14.98 12.91
C TRP B 434 2.05 16.02 13.61
N PHE B 435 1.79 17.29 13.34
CA PHE B 435 2.53 18.33 14.03
C PHE B 435 2.10 18.41 15.51
N LYS B 436 0.83 18.13 15.83
CA LYS B 436 0.39 18.17 17.23
C LYS B 436 1.09 17.08 18.06
N LYS B 437 1.21 15.88 17.49
CA LYS B 437 1.87 14.79 18.21
C LYS B 437 3.33 15.18 18.48
N MET B 438 3.97 15.78 17.47
CA MET B 438 5.38 16.16 17.57
C MET B 438 5.57 17.23 18.64
N LEU B 439 4.68 18.22 18.62
CA LEU B 439 4.73 19.31 19.59
C LEU B 439 4.37 18.88 21.01
N ASP B 440 3.37 18.02 21.15
CA ASP B 440 2.92 17.58 22.47
C ASP B 440 4.06 16.88 23.19
N LYS B 441 4.87 16.16 22.42
CA LYS B 441 6.04 15.47 22.98
C LYS B 441 7.08 16.49 23.41
N ALA B 442 7.21 17.57 22.65
CA ALA B 442 8.16 18.60 22.95
C ALA B 442 7.70 19.40 24.17
N VAL B 443 6.39 19.46 24.39
CA VAL B 443 5.83 20.08 25.59
C VAL B 443 5.98 19.14 26.77
N SER B 444 5.85 17.85 26.51
CA SER B 444 6.06 16.86 27.55
C SER B 444 7.50 16.95 28.05
N GLU B 445 8.39 17.35 27.15
CA GLU B 445 9.84 17.29 27.36
C GLU B 445 10.36 18.63 27.84
N ARG B 446 9.44 19.52 28.22
CA ARG B 446 9.78 20.89 28.67
C ARG B 446 10.56 21.73 27.64
N ILE B 447 10.47 21.41 26.35
CA ILE B 447 11.25 22.14 25.33
C ILE B 447 10.43 23.26 24.70
N VAL B 448 9.25 22.91 24.24
CA VAL B 448 8.23 23.89 23.86
C VAL B 448 7.39 24.22 25.09
N HIS B 449 7.23 25.50 25.40
CA HIS B 449 6.37 25.89 26.52
C HIS B 449 4.91 25.55 26.17
N ASP B 450 4.33 26.30 25.24
CA ASP B 450 3.05 25.96 24.68
C ASP B 450 3.05 26.27 23.19
N TYR B 451 2.04 25.79 22.47
CA TYR B 451 1.84 26.16 21.07
C TYR B 451 0.36 26.38 20.81
N LYS B 452 0.03 27.21 19.83
CA LYS B 452 -1.36 27.56 19.51
C LYS B 452 -1.48 27.82 18.01
N ASP B 453 -2.71 27.82 17.49
CA ASP B 453 -2.95 28.27 16.11
C ASP B 453 -2.83 29.79 15.99
N ILE B 454 -2.51 30.30 14.80
CA ILE B 454 -2.25 31.74 14.62
C ILE B 454 -3.36 32.65 15.16
N PHE B 455 -4.61 32.20 15.10
CA PHE B 455 -5.77 33.00 15.48
C PHE B 455 -5.92 33.11 16.98
N LYS B 456 -5.69 32.00 17.67
CA LYS B 456 -5.72 32.06 19.12
C LYS B 456 -4.52 32.87 19.64
N GLN B 457 -3.38 32.77 18.95
CA GLN B 457 -2.17 33.47 19.39
C GLN B 457 -2.30 34.96 19.18
N ALA B 458 -2.84 35.36 18.03
CA ALA B 458 -3.09 36.77 17.77
C ALA B 458 -4.01 37.35 18.84
N THR B 459 -5.03 36.59 19.21
CA THR B 459 -5.96 37.04 20.23
C THR B 459 -5.27 37.30 21.57
N GLU B 460 -4.38 36.39 21.98
CA GLU B 460 -3.61 36.59 23.21
C GLU B 460 -2.68 37.80 23.15
N ASP B 461 -1.87 37.88 22.09
CA ASP B 461 -0.96 39.03 21.89
C ASP B 461 -1.73 40.33 21.64
N ARG B 462 -3.07 40.22 21.64
CA ARG B 462 -3.98 41.33 21.46
C ARG B 462 -3.72 42.14 20.20
N LEU B 463 -3.19 41.49 19.15
CA LEU B 463 -2.82 42.24 17.95
C LEU B 463 -4.02 42.96 17.36
N THR B 464 -3.74 44.05 16.66
CA THR B 464 -4.76 44.92 16.13
C THR B 464 -4.50 45.32 14.67
N SER B 465 -3.28 45.08 14.18
CA SER B 465 -2.90 45.53 12.83
C SER B 465 -2.01 44.52 12.10
N ALA B 466 -2.04 44.52 10.77
CA ALA B 466 -1.31 43.50 9.99
C ALA B 466 0.18 43.64 10.12
N LYS B 467 0.63 44.85 10.46
CA LYS B 467 2.05 45.15 10.62
C LYS B 467 2.67 44.32 11.75
N GLU B 468 1.81 43.73 12.58
CA GLU B 468 2.24 42.94 13.72
C GLU B 468 2.52 41.48 13.43
N LEU B 469 2.09 40.99 12.25
CA LEU B 469 2.28 39.57 11.88
C LEU B 469 3.66 39.32 11.28
N PRO B 470 4.31 38.25 11.72
CA PRO B 470 5.59 37.84 11.16
C PRO B 470 5.58 37.75 9.64
N TYR B 471 6.56 38.41 9.01
CA TYR B 471 6.66 38.51 7.56
C TYR B 471 7.77 37.58 7.07
N PHE B 472 7.42 36.36 6.66
CA PHE B 472 8.43 35.41 6.19
C PHE B 472 8.47 35.28 4.66
N GLU B 473 9.66 35.04 4.13
CA GLU B 473 9.84 34.80 2.70
C GLU B 473 9.10 33.55 2.24
N GLY B 474 8.22 33.71 1.26
CA GLY B 474 7.48 32.59 0.70
C GLY B 474 6.22 32.19 1.44
N ASP B 475 6.03 32.70 2.66
CA ASP B 475 4.89 32.28 3.49
C ASP B 475 3.56 32.82 2.97
N PHE B 476 2.45 32.28 3.48
CA PHE B 476 1.11 32.59 3.01
C PHE B 476 0.68 34.04 3.27
N TRP B 477 1.11 34.58 4.40
CA TRP B 477 0.64 35.88 4.85
C TRP B 477 1.10 37.08 4.03
N PRO B 478 2.37 37.09 3.61
CA PRO B 478 2.69 38.24 2.77
C PRO B 478 1.79 38.36 1.54
N ASN B 479 1.58 37.25 0.83
CA ASN B 479 0.68 37.23 -0.34
C ASN B 479 -0.77 37.62 -0.01
N VAL B 480 -1.34 37.03 1.02
CA VAL B 480 -2.74 37.31 1.36
C VAL B 480 -2.90 38.77 1.81
N LEU B 481 -1.86 39.30 2.44
CA LEU B 481 -1.92 40.68 2.91
C LEU B 481 -1.87 41.66 1.73
N GLU B 482 -1.16 41.28 0.68
CA GLU B 482 -1.19 42.05 -0.55
C GLU B 482 -2.61 42.12 -1.09
N GLU B 483 -3.26 40.96 -1.20
CA GLU B 483 -4.60 40.90 -1.77
C GLU B 483 -5.64 41.62 -0.91
N SER B 484 -5.53 41.47 0.40
CA SER B 484 -6.44 42.14 1.34
C SER B 484 -6.42 43.67 1.22
N ILE B 485 -5.24 44.26 1.20
CA ILE B 485 -5.11 45.72 1.06
C ILE B 485 -5.68 46.18 -0.27
N LYS B 486 -5.43 45.40 -1.32
CA LYS B 486 -5.87 45.73 -2.66
C LYS B 486 -7.39 45.68 -2.76
N GLU B 487 -8.01 44.63 -2.23
CA GLU B 487 -9.46 44.46 -2.34
C GLU B 487 -10.25 45.37 -1.40
N SER B 488 -9.65 45.72 -0.26
CA SER B 488 -10.32 46.55 0.74
C SER B 488 -10.21 48.01 0.37
N GLY B 489 -9.44 48.31 -0.66
CA GLY B 489 -9.31 49.65 -1.18
C GLY B 489 -8.34 50.55 -0.44
N GLY B 490 -7.51 49.95 0.42
CA GLY B 490 -6.49 50.71 1.11
C GLY B 490 -6.29 50.32 2.56
N SER B 491 -7.14 49.44 3.08
CA SER B 491 -7.11 49.09 4.51
C SER B 491 -6.14 47.96 4.86
N GLY B 492 -5.52 48.08 6.03
CA GLY B 492 -4.45 47.19 6.41
C GLY B 492 -4.85 45.99 7.22
N SER B 493 -6.10 45.94 7.69
CA SER B 493 -6.41 44.91 8.66
C SER B 493 -7.89 44.61 8.80
N GLN B 494 -8.65 44.78 7.73
CA GLN B 494 -10.09 44.60 7.87
C GLN B 494 -10.49 43.11 7.97
N LYS B 495 -10.02 42.27 7.05
CA LYS B 495 -10.40 40.88 7.10
C LYS B 495 -9.48 40.09 8.03
N LEU B 496 -8.62 40.80 8.75
CA LEU B 496 -7.47 40.16 9.39
C LEU B 496 -7.81 38.98 10.31
N TYR B 497 -8.54 39.24 11.39
CA TYR B 497 -8.95 38.17 12.30
C TYR B 497 -9.84 37.17 11.59
N ALA B 498 -10.62 37.64 10.62
CA ALA B 498 -11.48 36.73 9.90
C ALA B 498 -10.62 35.75 9.10
N THR B 499 -9.62 36.29 8.41
CA THR B 499 -8.76 35.47 7.54
C THR B 499 -7.96 34.48 8.36
N MET B 500 -7.40 34.96 9.46
CA MET B 500 -6.68 34.13 10.40
C MET B 500 -7.57 33.01 10.95
N GLU B 501 -8.85 33.31 11.22
CA GLU B 501 -9.76 32.27 11.74
C GLU B 501 -10.03 31.22 10.68
N LYS B 502 -10.26 31.67 9.44
CA LYS B 502 -10.51 30.76 8.33
C LYS B 502 -9.41 29.71 8.16
N HIS B 503 -8.18 30.05 8.53
CA HIS B 503 -7.08 29.09 8.35
C HIS B 503 -6.34 28.76 9.64
N LYS B 504 -6.98 28.92 10.80
CA LYS B 504 -6.25 28.78 12.06
C LYS B 504 -5.55 27.42 12.18
N GLU B 505 -6.21 26.36 11.73
CA GLU B 505 -5.75 25.01 11.97
C GLU B 505 -4.44 24.66 11.27
N VAL B 506 -4.06 25.50 10.31
CA VAL B 506 -2.92 25.29 9.41
C VAL B 506 -1.66 26.08 9.84
N PHE B 507 -1.85 27.13 10.63
CA PHE B 507 -0.71 27.93 11.10
C PHE B 507 -0.36 27.75 12.56
N PHE B 508 0.73 27.03 12.80
CA PHE B 508 1.15 26.73 14.15
C PHE B 508 2.05 27.82 14.66
N VAL B 509 1.80 28.25 15.89
CA VAL B 509 2.72 29.16 16.58
C VAL B 509 3.26 28.46 17.82
N ILE B 510 4.58 28.24 17.84
CA ILE B 510 5.22 27.44 18.86
C ILE B 510 6.03 28.32 19.81
N ARG B 511 5.69 28.35 21.09
CA ARG B 511 6.45 29.20 22.01
C ARG B 511 7.58 28.46 22.73
N LEU B 512 8.82 28.79 22.41
CA LEU B 512 9.97 28.12 23.03
C LEU B 512 10.36 28.74 24.37
N ILE B 513 10.32 30.08 24.42
CA ILE B 513 10.54 30.82 25.67
C ILE B 513 9.38 31.76 25.94
N ALA B 514 8.72 31.56 27.08
CA ALA B 514 7.49 32.26 27.36
C ALA B 514 7.70 33.46 28.29
N GLY B 515 6.89 34.49 28.06
CA GLY B 515 6.77 35.61 28.96
C GLY B 515 7.99 36.46 29.16
N PRO B 516 8.30 36.75 30.44
CA PRO B 516 9.28 37.74 30.91
C PRO B 516 10.61 37.69 30.18
N ALA B 517 11.01 36.51 29.72
CA ALA B 517 12.34 36.30 29.16
C ALA B 517 12.67 37.22 28.01
N ALA B 518 11.71 37.46 27.12
CA ALA B 518 11.91 38.28 25.93
C ALA B 518 12.64 39.62 26.17
N ASN B 519 12.37 40.25 27.32
CA ASN B 519 12.83 41.61 27.61
C ASN B 519 14.35 41.87 27.56
N SER B 520 15.15 40.90 27.99
CA SER B 520 16.61 41.02 27.93
C SER B 520 17.36 39.67 27.95
N LEU B 521 17.10 38.87 26.93
CA LEU B 521 17.91 37.70 26.66
C LEU B 521 19.20 38.21 26.04
N PRO B 522 20.27 37.40 26.08
CA PRO B 522 21.50 37.76 25.36
C PRO B 522 21.27 37.83 23.85
N PRO B 523 22.20 38.44 23.10
CA PRO B 523 22.09 38.46 21.64
C PRO B 523 22.28 37.07 21.08
N ILE B 524 21.72 36.79 19.90
CA ILE B 524 21.75 35.46 19.32
C ILE B 524 22.94 35.27 18.41
N VAL B 525 23.79 34.29 18.73
CA VAL B 525 24.99 34.06 17.96
C VAL B 525 25.05 32.62 17.47
N ASP B 526 25.26 32.46 16.17
CA ASP B 526 25.36 31.15 15.54
C ASP B 526 26.80 30.68 15.61
N PRO B 527 27.05 29.59 16.34
CA PRO B 527 28.43 29.13 16.47
C PRO B 527 28.88 28.44 15.19
N ASP B 528 27.95 28.20 14.27
CA ASP B 528 28.30 27.59 12.99
C ASP B 528 28.65 28.62 11.94
N PRO B 529 29.56 28.27 11.02
CA PRO B 529 29.94 29.24 9.99
C PRO B 529 28.91 29.22 8.85
N LEU B 530 29.11 30.06 7.85
CA LEU B 530 28.26 30.02 6.69
C LEU B 530 28.64 28.84 5.82
N ILE B 531 27.65 28.17 5.24
CA ILE B 531 27.92 27.16 4.23
C ILE B 531 27.28 27.57 2.90
N PRO B 532 28.08 28.15 2.00
CA PRO B 532 27.58 28.54 0.67
C PRO B 532 27.36 27.33 -0.21
N CYS B 533 26.19 27.23 -0.82
CA CYS B 533 25.90 26.06 -1.63
C CYS B 533 24.74 26.38 -2.54
N ASP B 534 25.03 26.84 -3.75
CA ASP B 534 24.01 27.27 -4.71
C ASP B 534 22.98 26.19 -4.97
N LEU B 535 23.42 24.94 -4.98
CA LEU B 535 22.50 23.82 -5.15
C LEU B 535 21.42 23.77 -4.09
N MET B 536 21.73 24.18 -2.85
CA MET B 536 20.77 24.09 -1.76
C MET B 536 20.23 25.43 -1.27
N ASP B 537 20.46 26.49 -2.04
CA ASP B 537 19.87 27.79 -1.76
C ASP B 537 18.40 27.74 -2.15
N GLY B 538 17.53 27.38 -1.22
CA GLY B 538 16.14 27.20 -1.55
C GLY B 538 15.98 25.84 -2.16
N ARG B 539 14.75 25.48 -2.53
CA ARG B 539 14.41 24.13 -2.96
C ARG B 539 14.46 23.88 -4.48
N ASP B 540 14.53 24.93 -5.28
CA ASP B 540 14.35 24.80 -6.72
C ASP B 540 15.54 24.19 -7.41
N ALA B 541 16.73 24.51 -6.93
CA ALA B 541 17.95 24.06 -7.58
C ALA B 541 18.13 22.55 -7.45
N PHE B 542 17.70 21.96 -6.32
CA PHE B 542 17.81 20.51 -6.19
C PHE B 542 16.76 19.80 -7.04
N LEU B 543 15.53 20.30 -7.04
CA LEU B 543 14.50 19.75 -7.90
C LEU B 543 14.95 19.83 -9.34
N THR B 544 15.44 21.00 -9.74
CA THR B 544 15.85 21.17 -11.11
C THR B 544 16.98 20.22 -11.50
N LEU B 545 18.00 20.11 -10.65
CA LEU B 545 19.11 19.20 -10.90
C LEU B 545 18.58 17.81 -11.13
N ALA B 546 17.68 17.37 -10.25
CA ALA B 546 17.12 16.03 -10.34
C ALA B 546 16.36 15.83 -11.66
N ARG B 547 15.45 16.75 -11.96
CA ARG B 547 14.67 16.71 -13.19
C ARG B 547 15.60 16.65 -14.40
N ASP B 548 16.77 17.27 -14.27
CA ASP B 548 17.73 17.35 -15.38
C ASP B 548 18.55 16.08 -15.53
N LYS B 549 18.87 15.45 -14.41
CA LYS B 549 19.78 14.31 -14.42
C LYS B 549 19.05 12.98 -14.27
N HIS B 550 17.73 13.04 -14.39
CA HIS B 550 16.84 11.89 -14.25
C HIS B 550 16.91 11.27 -12.86
N LEU B 551 17.21 12.08 -11.85
CA LEU B 551 17.24 11.56 -10.50
C LEU B 551 15.81 11.41 -9.99
N GLU B 552 15.51 10.28 -9.35
CA GLU B 552 14.17 10.05 -8.83
C GLU B 552 14.26 9.52 -7.42
N PHE B 553 13.22 9.75 -6.62
CA PHE B 553 13.15 9.12 -5.31
C PHE B 553 11.94 8.15 -5.24
N SER B 554 11.76 7.41 -6.33
CA SER B 554 10.56 6.67 -6.56
C SER B 554 10.65 5.21 -6.12
N SER B 555 11.88 4.71 -5.98
CA SER B 555 12.13 3.36 -5.46
C SER B 555 13.40 3.35 -4.62
N LEU B 556 13.66 2.27 -3.90
CA LEU B 556 14.86 2.20 -3.07
C LEU B 556 16.11 2.38 -3.94
N ARG B 557 16.20 1.61 -5.02
CA ARG B 557 17.36 1.66 -5.90
C ARG B 557 17.55 3.04 -6.54
N ARG B 558 16.47 3.63 -7.03
CA ARG B 558 16.55 4.95 -7.63
C ARG B 558 16.93 6.01 -6.58
N ALA B 559 16.24 6.01 -5.46
CA ALA B 559 16.55 6.90 -4.35
C ALA B 559 18.00 6.77 -3.87
N GLN B 560 18.57 5.56 -3.94
CA GLN B 560 19.97 5.36 -3.56
C GLN B 560 20.92 6.02 -4.57
N TRP B 561 20.61 5.85 -5.85
CA TRP B 561 21.41 6.41 -6.91
C TRP B 561 21.38 7.94 -6.85
N SER B 562 20.20 8.47 -6.53
CA SER B 562 20.03 9.91 -6.47
C SER B 562 20.81 10.47 -5.27
N THR B 563 20.73 9.77 -4.15
CA THR B 563 21.54 10.10 -2.99
C THR B 563 23.03 10.14 -3.36
N MET B 564 23.49 9.17 -4.14
CA MET B 564 24.90 9.11 -4.54
C MET B 564 25.25 10.34 -5.36
N CYS B 565 24.39 10.70 -6.30
CA CYS B 565 24.67 11.87 -7.14
C CYS B 565 24.61 13.17 -6.34
N MET B 566 23.54 13.31 -5.55
CA MET B 566 23.37 14.42 -4.62
C MET B 566 24.65 14.64 -3.82
N LEU B 567 25.13 13.55 -3.22
CA LEU B 567 26.37 13.59 -2.46
C LEU B 567 27.61 13.93 -3.31
N VAL B 568 27.66 13.46 -4.56
CA VAL B 568 28.78 13.83 -5.42
C VAL B 568 28.71 15.32 -5.74
N GLU B 569 27.50 15.81 -5.99
CA GLU B 569 27.30 17.19 -6.36
C GLU B 569 27.66 18.13 -5.19
N LEU B 570 27.32 17.73 -3.97
CA LEU B 570 27.66 18.50 -2.79
C LEU B 570 29.16 18.54 -2.52
N HIS B 571 29.83 17.42 -2.77
CA HIS B 571 31.27 17.36 -2.50
C HIS B 571 32.13 18.14 -3.50
N THR B 572 31.65 18.28 -4.73
CA THR B 572 32.46 18.88 -5.78
C THR B 572 31.99 20.27 -6.19
N GLN B 573 31.49 21.04 -5.23
CA GLN B 573 31.30 22.46 -5.46
C GLN B 573 32.37 23.21 -4.68
N SER B 574 32.60 22.74 -3.45
CA SER B 574 33.59 23.34 -2.56
C SER B 574 35.00 23.28 -3.15
N GLN B 575 35.36 22.14 -3.73
CA GLN B 575 36.70 21.95 -4.27
C GLN B 575 36.83 22.38 -5.75
N ASP B 576 38.05 22.76 -6.12
CA ASP B 576 38.36 23.20 -7.48
C ASP B 576 39.42 22.30 -8.10
ZN ZN C . -20.41 4.57 11.77
ZN ZN D . -27.63 7.24 22.98
ZN ZN E . -17.23 -19.01 -16.79
ZN ZN F . 9.34 -2.23 15.26
O1 01K G . 4.51 -12.05 2.26
P2 01K G . 3.57 -11.58 3.36
O3 01K G . 4.04 -12.15 4.77
P4 01K G . 3.02 -12.20 5.99
O5 01K G . 1.79 -13.15 5.61
C6 01K G . 2.05 -14.55 5.38
C7 01K G . 0.70 -15.24 5.07
C8 01K G . 0.89 -16.40 4.06
C9 01K G . 0.16 -15.79 6.38
C10 01K G . -0.27 -14.20 4.52
O11 01K G . 0.16 -13.67 3.31
C12 01K G . -1.62 -14.72 4.21
N13 01K G . -1.85 -15.20 2.87
C14 01K G . -3.13 -15.69 2.45
C15 01K G . -3.31 -17.18 2.62
C16 01K G . -2.01 -17.94 2.28
N17 01K G . -1.70 -19.19 2.98
C18 01K G . -0.47 -19.87 2.69
C19 01K G . -0.73 -21.15 1.97
S20 01K G . 0.68 -22.18 2.23
C21 01K G . 0.02 -23.47 3.23
C22 01K G . -1.39 -23.73 2.74
NZ 01K G . -1.63 -24.64 1.63
CE 01K G . -2.98 -24.91 1.12
CD 01K G . -2.89 -25.53 -0.28
CG 01K G . -4.17 -25.20 -1.00
CB 01K G . -4.47 -26.12 -2.17
CA 01K G . -5.24 -25.25 -3.14
N 01K G . -5.22 -25.71 -4.52
C 01K G . -6.63 -24.93 -2.66
O 01K G . -7.18 -23.91 -3.09
O33 01K G . -1.25 -17.51 1.41
O34 01K G . -2.48 -14.71 5.09
O35 01K G . 2.52 -10.85 6.35
O36 01K G . 3.79 -12.84 7.14
O37 01K G . 2.16 -11.97 3.08
O38 01K G . 3.65 -9.99 3.47
C40 01K G . 5.23 -8.29 3.10
C41 01K G . 4.18 -7.12 3.10
O45 01K G . 6.08 -4.32 4.62
O46 01K G . 5.06 -6.26 5.74
C54 01K G . 4.04 -8.29 -1.51
C63 01K G . -6.87 -27.70 -4.31
C61 01K G . -5.95 -26.80 -5.09
O62 01K G . -5.82 -27.01 -6.28
N64 01K G . -7.26 -25.83 -1.71
O32 01K G . -2.36 -23.20 3.30
C39 01K G . 4.82 -9.44 4.03
O60 01K G . 5.41 -8.63 1.76
O42 01K G . 4.77 -5.81 3.27
P43 01K G . 4.86 -5.19 4.69
O44 01K G . 3.59 -4.41 4.98
C47 01K G . 3.38 -7.38 1.81
O48 01K G . 2.79 -6.27 1.30
C49 01K G . 4.49 -7.89 0.95
N50 01K G . 3.96 -8.66 -0.17
C51 01K G . 3.27 -9.79 -0.10
N52 01K G . 2.91 -10.17 -1.32
C53 01K G . 3.36 -9.30 -2.21
N55 01K G . 4.59 -7.25 -2.21
C56 01K G . 4.46 -7.22 -3.55
N57 01K G . 3.81 -8.19 -4.22
C58 01K G . 3.26 -9.23 -3.59
N59 01K G . 2.58 -10.28 -4.32
ZN ZN H . 19.36 -4.27 -13.03
ZN ZN I . 32.43 -8.37 -14.49
ZN ZN J . -4.08 23.90 -21.30
O1 01K K . 1.29 10.86 7.72
P2 01K K . 2.52 10.10 7.31
O3 01K K . 3.61 10.46 8.39
P4 01K K . 5.15 10.23 8.07
O5 01K K . 5.53 11.40 7.03
C6 01K K . 5.16 12.75 7.38
C7 01K K . 5.79 13.64 6.29
C8 01K K . 5.09 15.02 6.22
C9 01K K . 7.28 13.79 6.57
C10 01K K . 5.56 12.88 4.99
O11 01K K . 4.23 12.54 4.85
C12 01K K . 5.94 13.67 3.78
N13 01K K . 4.93 14.26 2.97
C14 01K K . 5.30 15.01 1.79
C15 01K K . 5.98 16.27 2.21
C16 01K K . 5.07 17.19 3.01
N17 01K K . 5.63 18.27 3.83
C18 01K K . 4.63 19.07 4.50
C19 01K K . 4.92 19.32 5.95
S20 01K K . 4.10 20.86 6.19
C21 01K K . 5.41 21.98 6.53
C22 01K K . 5.84 22.57 5.20
NZ 01K K . 5.09 23.72 4.66
CE 01K K . 5.43 24.32 3.37
CD 01K K . 4.22 25.09 2.87
CG 01K K . 4.30 25.18 1.36
CB 01K K . 3.31 26.16 0.78
CA 01K K . 2.70 25.48 -0.41
N 01K K . 1.44 26.09 -0.84
C 01K K . 3.65 25.34 -1.58
O 01K K . 3.37 24.52 -2.45
O33 01K K . 3.84 17.06 3.01
O34 01K K . 7.10 13.76 3.50
O35 01K K . 5.41 8.91 7.39
O36 01K K . 5.87 10.38 9.40
O37 01K K . 2.97 10.44 5.91
O38 01K K . 2.31 8.51 7.29
C40 01K K . 0.94 6.78 8.08
C41 01K K . 1.41 5.73 6.98
O45 01K K . 1.56 2.27 8.52
O46 01K K . 3.20 4.10 8.65
C54 01K K . -2.28 7.87 4.76
C63 01K K . 2.33 28.19 -2.13
C61 01K K . 1.24 27.28 -1.61
O62 01K K . 0.08 27.55 -1.84
N64 01K K . 4.82 26.18 -1.64
O32 01K K . 6.78 22.07 4.57
C39 01K K . 2.00 7.82 8.47
O60 01K K . -0.28 7.31 7.61
O42 01K K . 1.10 4.32 7.27
P43 01K K . 2.24 3.37 7.76
O44 01K K . 3.00 2.86 6.54
C47 01K K . 0.83 6.39 5.71
O48 01K K . 0.70 5.57 4.65
C49 01K K . -0.49 6.86 6.26
N50 01K K . -1.05 7.90 5.41
C51 01K K . -0.46 9.03 5.07
N52 01K K . -1.24 9.74 4.25
C53 01K K . -2.37 9.08 4.03
N55 01K K . -3.33 7.01 4.70
C56 01K K . -4.42 7.29 3.96
N57 01K K . -4.49 8.43 3.27
C58 01K K . -3.49 9.33 3.29
N59 01K K . -3.59 10.56 2.54
#